data_4MHC
#
_entry.id   4MHC
#
_cell.length_a   62.110
_cell.length_b   76.940
_cell.length_c   82.630
_cell.angle_alpha   90.00
_cell.angle_beta   106.05
_cell.angle_gamma   90.00
#
_symmetry.space_group_name_H-M   'P 1 21 1'
#
loop_
_entity.id
_entity.type
_entity.pdbx_description
1 polymer 'Nucleoporin NUP157'
2 water water
#
_entity_poly.entity_id   1
_entity_poly.type   'polypeptide(L)'
_entity_poly.pdbx_seq_one_letter_code
;SMESELRDVTTHVKISGLTSSEPLQLASEFVQDLSFRDRNTPILDNPDYYSKGLDYNFSDEVGGLGAFTPFQRQQVTNIP
DEVLSQVSNTEIKSDMGIFLELNYCWITSDNKLILWNINNSSEYHCIDEIEHTILKVKLVKPSPNTFVSSVENLLIVATL
FDIYILTISFNDRTHELNIFNTGLKVNVTGFNVSNIISYERTGQIFFTGATDGVNVWELQYNCSENLFNSKSNKICLTKS
NLANLLPTKLIPSIPGGKLIQKVLEGDAGTEEETISQLEVDQSRGVLHTLSTKSIVRSYLITSNGLVGPVLIDAAHIRRG
MNALGVKNSPLLSNRAFKIAKIVSISMCENNDLFLAVITTTGVRLYFKGSISRRSIGSLKLDSVKFPPTSISSSLEQNKS
FIIGHHPLNTHDTGPLSTQKASSTYINTTCASTIISPGIYFTCVRKRANSGELSKGITNKALLENKEEHKLYVSAPDYGI
LKNYGKYVENTALLDTTDEIKEIVPLTRSFNYTSTPQGYANVFASQYSAEPLKVAVLTSNALEIYCYRTPDEVFESLIEN
PLPFIHSYGLSEACSTALYLACKFNKSEHIKSSALAFFSAGIPGVVEIKPKSSRESGSVPPISQNLFDKSGECDGIVLSP
RFYGSALLITRLFSQIWEERVFVFKRASKTEKMDAFGISITRPQVEYYLSSISVLADFFNIHRPSFVSFVPPKGSNAITA
SDAESIAMNALILLINSIKDALSLINVFYEDIDAFKSLLNTLMGAGGVYDSKTREYFFDLKFHDLFTPNAKTKQLIKEIL
IEVVNANIASGTSADYIVNVLKERFG
;
_entity_poly.pdbx_strand_id   A
#
# COMPACT_ATOMS: atom_id res chain seq x y z
N SER A 21 36.22 -4.35 -12.12
CA SER A 21 36.99 -3.48 -13.01
C SER A 21 36.21 -3.15 -14.28
N GLU A 22 35.42 -4.10 -14.76
CA GLU A 22 34.56 -3.89 -15.92
C GLU A 22 33.31 -3.11 -15.51
N PRO A 23 32.99 -2.04 -16.26
CA PRO A 23 31.94 -1.07 -15.97
C PRO A 23 30.56 -1.67 -15.63
N LEU A 24 30.04 -2.53 -16.50
CA LEU A 24 28.69 -3.08 -16.32
C LEU A 24 28.53 -3.93 -15.05
N GLN A 25 29.51 -4.79 -14.79
CA GLN A 25 29.48 -5.61 -13.58
C GLN A 25 29.62 -4.73 -12.33
N LEU A 26 30.43 -3.68 -12.44
CA LEU A 26 30.62 -2.73 -11.35
C LEU A 26 29.30 -2.04 -11.00
N ALA A 27 28.68 -1.44 -12.01
CA ALA A 27 27.39 -0.78 -11.85
C ALA A 27 26.34 -1.74 -11.32
N SER A 28 26.35 -2.96 -11.81
CA SER A 28 25.44 -4.00 -11.35
C SER A 28 25.62 -4.24 -9.84
N GLU A 29 26.88 -4.34 -9.41
CA GLU A 29 27.19 -4.56 -8.00
C GLU A 29 26.72 -3.40 -7.13
N PHE A 30 26.89 -2.18 -7.63
CA PHE A 30 26.38 -0.99 -6.93
C PHE A 30 24.86 -1.08 -6.76
N VAL A 31 24.18 -1.35 -7.86
CA VAL A 31 22.72 -1.45 -7.88
C VAL A 31 22.22 -2.51 -6.90
N GLN A 32 22.94 -3.64 -6.83
CA GLN A 32 22.52 -4.73 -5.96
C GLN A 32 22.77 -4.44 -4.48
N ASP A 33 23.90 -3.81 -4.20
CA ASP A 33 24.19 -3.36 -2.83
C ASP A 33 23.12 -2.37 -2.35
N LEU A 34 22.75 -1.44 -3.21
CA LEU A 34 21.72 -0.46 -2.86
C LEU A 34 20.34 -1.10 -2.73
N SER A 35 20.05 -2.12 -3.53
CA SER A 35 18.78 -2.82 -3.41
C SER A 35 18.71 -3.57 -2.07
N PHE A 36 19.84 -4.15 -1.69
CA PHE A 36 19.94 -4.78 -0.38
C PHE A 36 19.66 -3.75 0.71
N ARG A 37 20.28 -2.58 0.59
CA ARG A 37 20.06 -1.53 1.57
C ARG A 37 18.59 -1.09 1.62
N ASP A 38 17.94 -1.05 0.46
CA ASP A 38 16.53 -0.67 0.40
C ASP A 38 15.63 -1.74 1.04
N ARG A 39 16.02 -3.00 0.94
CA ARG A 39 15.23 -4.07 1.54
C ARG A 39 15.42 -4.21 3.05
N ASN A 40 16.46 -3.57 3.60
CA ASN A 40 16.78 -3.78 5.01
C ASN A 40 16.67 -2.54 5.89
N THR A 41 15.73 -1.66 5.58
CA THR A 41 15.51 -0.48 6.39
C THR A 41 14.74 -0.87 7.65
N PRO A 42 14.87 -0.05 8.72
CA PRO A 42 14.31 -0.42 10.02
C PRO A 42 12.82 -0.78 9.99
N ILE A 43 12.44 -1.65 10.92
CA ILE A 43 11.05 -2.05 11.11
C ILE A 43 10.24 -0.86 11.61
N LEU A 44 9.02 -0.70 11.09
CA LEU A 44 8.19 0.47 11.37
C LEU A 44 7.97 0.73 12.86
N ASP A 45 7.53 -0.30 13.59
CA ASP A 45 7.25 -0.13 15.01
C ASP A 45 8.19 -0.92 15.91
N ASN A 46 8.65 -0.25 16.96
CA ASN A 46 9.52 -0.83 17.97
C ASN A 46 9.32 -0.01 19.23
N PRO A 47 9.03 -0.69 20.36
CA PRO A 47 8.77 -0.01 21.65
C PRO A 47 9.86 1.00 22.02
N ASP A 48 11.11 0.71 21.64
CA ASP A 48 12.22 1.61 21.93
C ASP A 48 12.14 2.95 21.18
N TYR A 49 11.36 2.99 20.10
CA TYR A 49 11.24 4.21 19.30
C TYR A 49 10.57 5.34 20.06
N TYR A 50 9.62 5.00 20.93
CA TYR A 50 8.81 6.00 21.61
C TYR A 50 8.46 5.59 23.04
N SER A 51 9.37 4.87 23.69
CA SER A 51 9.15 4.46 25.07
C SER A 51 9.08 5.66 26.01
N LYS A 52 9.72 6.76 25.62
CA LYS A 52 9.71 7.96 26.43
C LYS A 52 8.88 9.08 25.80
N GLY A 53 7.89 8.69 25.02
CA GLY A 53 7.02 9.67 24.38
C GLY A 53 7.19 9.71 22.87
N LEU A 54 6.14 10.14 22.18
CA LEU A 54 6.14 10.16 20.72
C LEU A 54 6.67 11.50 20.18
N ASP A 55 7.71 11.43 19.36
CA ASP A 55 8.22 12.63 18.71
C ASP A 55 7.26 13.05 17.60
N TYR A 56 6.51 14.12 17.86
CA TYR A 56 5.53 14.62 16.92
C TYR A 56 6.02 15.84 16.15
N ASN A 57 5.69 15.89 14.87
CA ASN A 57 5.74 17.12 14.08
C ASN A 57 4.29 17.48 13.78
N PHE A 58 3.70 18.29 14.65
CA PHE A 58 2.25 18.45 14.71
C PHE A 58 1.77 19.83 14.32
N SER A 59 0.63 19.88 13.64
CA SER A 59 -0.02 21.14 13.34
C SER A 59 -1.55 21.03 13.42
N ASP A 60 -2.13 21.99 14.12
CA ASP A 60 -3.57 22.06 14.30
C ASP A 60 -4.22 22.98 13.28
N GLU A 61 -3.50 23.28 12.21
CA GLU A 61 -4.03 24.05 11.09
C GLU A 61 -3.83 23.28 9.78
N VAL A 62 -4.80 23.37 8.89
CA VAL A 62 -4.69 22.71 7.59
C VAL A 62 -3.51 23.30 6.82
N GLY A 63 -2.63 22.43 6.34
CA GLY A 63 -1.45 22.87 5.61
C GLY A 63 -0.33 23.33 6.52
N GLY A 64 -0.55 23.22 7.83
CA GLY A 64 0.37 23.74 8.83
C GLY A 64 1.77 23.17 8.80
N LEU A 65 1.95 21.95 8.32
CA LEU A 65 3.28 21.35 8.26
C LEU A 65 4.02 21.78 7.01
N GLY A 66 3.36 22.59 6.19
CA GLY A 66 3.94 23.06 4.95
C GLY A 66 4.40 21.94 4.06
N ALA A 67 5.70 21.93 3.75
CA ALA A 67 6.29 20.98 2.82
C ALA A 67 6.09 19.51 3.22
N PHE A 68 6.02 19.26 4.52
CA PHE A 68 5.99 17.90 5.04
C PHE A 68 4.58 17.45 5.38
N THR A 69 3.59 18.16 4.85
CA THR A 69 2.21 17.74 4.92
C THR A 69 2.08 16.38 4.23
N PRO A 70 1.63 15.36 4.98
CA PRO A 70 1.57 13.99 4.43
C PRO A 70 0.44 13.79 3.41
N PHE A 71 -0.72 14.42 3.63
CA PHE A 71 -1.87 14.24 2.75
C PHE A 71 -2.46 15.58 2.33
N GLN A 72 -3.08 15.59 1.15
CA GLN A 72 -3.76 16.78 0.67
C GLN A 72 -5.08 16.41 0.02
N ARG A 73 -6.14 17.17 0.31
CA ARG A 73 -7.44 16.90 -0.30
C ARG A 73 -7.43 17.29 -1.78
N GLN A 74 -7.83 16.37 -2.64
CA GLN A 74 -7.71 16.60 -4.07
C GLN A 74 -9.05 16.75 -4.77
N GLN A 75 -10.10 16.18 -4.18
CA GLN A 75 -11.45 16.42 -4.65
C GLN A 75 -12.53 16.04 -3.65
N VAL A 76 -13.71 16.63 -3.84
CA VAL A 76 -14.88 16.34 -3.04
C VAL A 76 -15.99 15.98 -4.01
N THR A 77 -16.42 14.72 -3.98
CA THR A 77 -17.50 14.27 -4.85
C THR A 77 -18.80 14.13 -4.06
N ASN A 78 -19.78 14.96 -4.40
CA ASN A 78 -21.08 14.88 -3.78
C ASN A 78 -21.80 13.59 -4.13
N ILE A 79 -22.59 13.10 -3.18
CA ILE A 79 -23.48 11.99 -3.46
C ILE A 79 -24.50 12.51 -4.46
N PRO A 80 -24.55 11.91 -5.66
CA PRO A 80 -25.36 12.41 -6.76
C PRO A 80 -26.86 12.50 -6.42
N ASP A 81 -27.52 13.52 -6.98
CA ASP A 81 -28.95 13.76 -6.76
C ASP A 81 -29.79 12.58 -7.23
N GLU A 82 -29.47 12.05 -8.40
CA GLU A 82 -30.19 10.92 -8.98
C GLU A 82 -30.16 9.70 -8.07
N VAL A 83 -29.16 9.67 -7.19
CA VAL A 83 -28.96 8.58 -6.25
C VAL A 83 -29.66 8.88 -4.92
N LEU A 84 -29.52 10.12 -4.44
CA LEU A 84 -30.17 10.57 -3.21
C LEU A 84 -31.69 10.57 -3.32
N SER A 85 -32.20 10.74 -4.53
CA SER A 85 -33.64 10.79 -4.78
C SER A 85 -34.30 9.44 -4.55
N GLN A 86 -33.53 8.37 -4.66
CA GLN A 86 -34.04 7.03 -4.43
C GLN A 86 -33.80 6.59 -2.97
N VAL A 87 -33.31 7.54 -2.17
CA VAL A 87 -33.08 7.32 -0.74
C VAL A 87 -34.01 8.25 0.03
N SER A 88 -34.65 9.15 -0.70
CA SER A 88 -35.54 10.16 -0.13
C SER A 88 -36.48 9.60 0.93
N ASN A 89 -37.13 8.48 0.63
CA ASN A 89 -38.06 7.87 1.56
C ASN A 89 -37.46 6.72 2.35
N THR A 90 -37.23 6.95 3.64
CA THR A 90 -36.65 5.97 4.53
C THR A 90 -37.26 6.07 5.94
N GLU A 91 -38.16 5.13 6.25
CA GLU A 91 -38.90 5.16 7.51
C GLU A 91 -38.11 4.61 8.69
N ILE A 92 -37.29 3.59 8.44
CA ILE A 92 -36.63 2.86 9.53
C ILE A 92 -35.10 2.92 9.52
N LYS A 93 -34.49 2.51 8.41
CA LYS A 93 -33.05 2.30 8.44
C LYS A 93 -32.30 2.78 7.20
N SER A 94 -31.32 3.66 7.42
CA SER A 94 -30.42 4.10 6.37
C SER A 94 -28.97 3.91 6.82
N ASP A 95 -28.10 3.59 5.86
CA ASP A 95 -26.67 3.46 6.15
C ASP A 95 -25.91 3.64 4.84
N MET A 96 -24.59 3.80 4.93
CA MET A 96 -23.77 3.87 3.71
C MET A 96 -22.31 3.50 3.94
N GLY A 97 -21.60 3.23 2.85
CA GLY A 97 -20.21 2.85 2.96
C GLY A 97 -19.44 2.87 1.67
N ILE A 98 -18.18 2.44 1.73
CA ILE A 98 -17.31 2.38 0.57
C ILE A 98 -16.86 0.95 0.33
N PHE A 99 -16.94 0.50 -0.92
CA PHE A 99 -16.40 -0.80 -1.31
C PHE A 99 -14.94 -0.68 -1.75
N LEU A 100 -14.05 -1.01 -0.83
CA LEU A 100 -12.59 -0.95 -1.02
C LEU A 100 -12.10 -1.51 -2.36
N GLU A 101 -12.68 -2.62 -2.78
CA GLU A 101 -12.20 -3.36 -3.93
C GLU A 101 -12.67 -2.79 -5.27
N LEU A 102 -13.90 -2.29 -5.29
CA LEU A 102 -14.55 -1.87 -6.52
C LEU A 102 -14.35 -0.38 -6.83
N ASN A 103 -13.92 0.38 -5.82
CA ASN A 103 -13.98 1.83 -5.86
C ASN A 103 -15.41 2.28 -6.12
N TYR A 104 -16.34 1.64 -5.40
CA TYR A 104 -17.75 1.97 -5.48
C TYR A 104 -18.24 2.30 -4.08
N CYS A 105 -19.24 3.18 -3.99
CA CYS A 105 -19.90 3.46 -2.73
C CYS A 105 -21.24 2.77 -2.70
N TRP A 106 -21.81 2.64 -1.52
CA TRP A 106 -23.13 2.03 -1.40
C TRP A 106 -24.00 2.76 -0.39
N ILE A 107 -25.30 2.74 -0.62
CA ILE A 107 -26.27 3.27 0.32
C ILE A 107 -27.39 2.26 0.50
N THR A 108 -27.85 2.12 1.73
CA THR A 108 -29.03 1.33 2.01
C THR A 108 -30.08 2.20 2.67
N SER A 109 -31.32 2.07 2.21
CA SER A 109 -32.46 2.65 2.90
C SER A 109 -33.55 1.59 2.92
N ASP A 110 -33.85 1.11 4.12
CA ASP A 110 -34.82 0.03 4.30
C ASP A 110 -34.45 -1.22 3.50
N ASN A 111 -35.17 -1.46 2.41
CA ASN A 111 -35.00 -2.68 1.65
C ASN A 111 -34.25 -2.51 0.32
N LYS A 112 -33.88 -1.27 -0.01
CA LYS A 112 -33.17 -1.02 -1.25
C LYS A 112 -31.68 -0.69 -1.04
N LEU A 113 -30.87 -1.09 -2.01
CA LEU A 113 -29.43 -0.89 -1.97
C LEU A 113 -28.93 -0.33 -3.29
N ILE A 114 -28.22 0.79 -3.23
CA ILE A 114 -27.69 1.43 -4.43
C ILE A 114 -26.17 1.54 -4.39
N LEU A 115 -25.53 1.01 -5.43
CA LEU A 115 -24.09 1.13 -5.57
C LEU A 115 -23.80 2.19 -6.62
N TRP A 116 -22.86 3.08 -6.35
CA TRP A 116 -22.47 4.06 -7.35
C TRP A 116 -20.97 4.19 -7.54
N ASN A 117 -20.57 4.39 -8.78
CA ASN A 117 -19.17 4.51 -9.14
C ASN A 117 -18.57 5.80 -8.58
N ILE A 118 -17.45 5.66 -7.90
CA ILE A 118 -16.74 6.79 -7.33
C ILE A 118 -16.12 7.64 -8.44
N ASN A 119 -15.70 6.98 -9.51
CA ASN A 119 -15.09 7.66 -10.64
C ASN A 119 -16.10 8.22 -11.64
N ASN A 120 -17.38 8.13 -11.34
CA ASN A 120 -18.41 8.61 -12.25
C ASN A 120 -19.55 9.37 -11.57
N SER A 121 -20.35 8.63 -10.80
CA SER A 121 -21.52 9.16 -10.08
C SER A 121 -22.71 9.49 -10.99
N SER A 122 -22.64 9.02 -12.23
CA SER A 122 -23.81 8.97 -13.10
C SER A 122 -24.13 7.51 -13.29
N GLU A 123 -23.14 6.68 -12.99
CA GLU A 123 -23.24 5.24 -13.12
C GLU A 123 -23.60 4.60 -11.78
N TYR A 124 -24.86 4.17 -11.66
CA TYR A 124 -25.33 3.52 -10.44
C TYR A 124 -26.20 2.30 -10.71
N HIS A 125 -26.10 1.31 -9.82
CA HIS A 125 -26.83 0.05 -9.96
C HIS A 125 -27.66 -0.18 -8.70
N CYS A 126 -28.93 -0.51 -8.91
CA CYS A 126 -29.83 -0.82 -7.80
C CYS A 126 -29.99 -2.32 -7.66
N ILE A 127 -30.05 -2.80 -6.42
CA ILE A 127 -30.42 -4.19 -6.18
C ILE A 127 -31.89 -4.22 -5.74
N ASP A 128 -32.75 -4.73 -6.62
CA ASP A 128 -34.20 -4.74 -6.37
C ASP A 128 -34.71 -6.13 -5.99
N GLU A 129 -33.82 -7.12 -6.00
CA GLU A 129 -34.20 -8.49 -5.67
C GLU A 129 -34.35 -8.74 -4.17
N ILE A 130 -34.58 -7.68 -3.41
CA ILE A 130 -34.60 -7.80 -1.94
C ILE A 130 -35.90 -7.31 -1.29
N GLU A 131 -36.53 -8.20 -0.55
CA GLU A 131 -37.89 -7.99 -0.02
C GLU A 131 -37.92 -7.17 1.26
N HIS A 132 -36.98 -7.42 2.16
CA HIS A 132 -37.05 -6.88 3.52
C HIS A 132 -35.93 -5.91 3.90
N THR A 133 -36.03 -5.38 5.11
CA THR A 133 -35.08 -4.39 5.62
C THR A 133 -33.65 -4.92 5.68
N ILE A 134 -32.77 -4.29 4.91
CA ILE A 134 -31.36 -4.69 4.86
C ILE A 134 -30.66 -4.31 6.17
N LEU A 135 -30.00 -5.29 6.77
CA LEU A 135 -29.29 -5.06 8.02
C LEU A 135 -27.79 -4.83 7.80
N LYS A 136 -27.19 -5.61 6.91
CA LYS A 136 -25.74 -5.49 6.69
C LYS A 136 -25.33 -5.85 5.27
N VAL A 137 -24.42 -5.09 4.69
CA VAL A 137 -23.84 -5.49 3.41
C VAL A 137 -22.32 -5.62 3.56
N LYS A 138 -21.72 -6.50 2.77
CA LYS A 138 -20.28 -6.73 2.89
C LYS A 138 -19.67 -7.27 1.59
N LEU A 139 -18.51 -6.78 1.23
CA LEU A 139 -17.76 -7.34 0.11
C LEU A 139 -16.80 -8.40 0.62
N VAL A 140 -16.71 -9.51 -0.11
CA VAL A 140 -16.05 -10.71 0.40
C VAL A 140 -15.38 -11.43 -0.78
N LYS A 141 -14.36 -12.25 -0.52
CA LYS A 141 -13.75 -13.06 -1.57
C LYS A 141 -14.41 -14.44 -1.63
N PRO A 142 -14.59 -15.00 -2.83
CA PRO A 142 -15.17 -16.35 -2.96
C PRO A 142 -14.24 -17.45 -2.45
N SER A 143 -14.82 -18.55 -1.99
CA SER A 143 -14.05 -19.73 -1.62
C SER A 143 -13.43 -20.36 -2.87
N PRO A 144 -12.22 -20.93 -2.73
CA PRO A 144 -11.47 -21.51 -3.85
C PRO A 144 -12.12 -22.72 -4.51
N ASN A 145 -12.98 -23.45 -3.80
CA ASN A 145 -13.56 -24.68 -4.35
C ASN A 145 -15.06 -24.58 -4.64
N THR A 146 -15.46 -23.58 -5.42
CA THR A 146 -16.87 -23.38 -5.73
C THR A 146 -17.10 -23.05 -7.21
N PHE A 147 -18.36 -23.03 -7.60
CA PHE A 147 -18.76 -22.72 -8.97
C PHE A 147 -18.57 -21.23 -9.30
N VAL A 148 -18.44 -20.41 -8.25
CA VAL A 148 -18.21 -18.98 -8.44
C VAL A 148 -16.80 -18.55 -8.02
N SER A 149 -15.89 -19.52 -7.98
CA SER A 149 -14.51 -19.27 -7.57
C SER A 149 -13.76 -18.34 -8.50
N SER A 150 -14.25 -18.20 -9.74
CA SER A 150 -13.59 -17.38 -10.75
C SER A 150 -13.85 -15.89 -10.54
N VAL A 151 -14.98 -15.56 -9.91
CA VAL A 151 -15.37 -14.16 -9.72
C VAL A 151 -14.43 -13.40 -8.77
N GLU A 152 -14.33 -12.09 -8.98
CA GLU A 152 -13.43 -11.26 -8.19
C GLU A 152 -13.96 -11.07 -6.76
N ASN A 153 -15.24 -10.72 -6.65
CA ASN A 153 -15.83 -10.49 -5.34
C ASN A 153 -17.26 -11.01 -5.24
N LEU A 154 -17.69 -11.24 -4.01
CA LEU A 154 -19.07 -11.57 -3.69
C LEU A 154 -19.62 -10.46 -2.81
N LEU A 155 -20.88 -10.14 -3.03
CA LEU A 155 -21.60 -9.19 -2.20
C LEU A 155 -22.57 -9.95 -1.30
N ILE A 156 -22.33 -9.87 0.00
CA ILE A 156 -23.21 -10.48 0.98
C ILE A 156 -24.22 -9.44 1.46
N VAL A 157 -25.51 -9.79 1.40
CA VAL A 157 -26.57 -8.92 1.89
C VAL A 157 -27.39 -9.63 2.96
N ALA A 158 -27.41 -9.09 4.17
CA ALA A 158 -28.20 -9.65 5.27
C ALA A 158 -29.38 -8.75 5.64
N THR A 159 -30.56 -9.34 5.66
CA THR A 159 -31.78 -8.66 6.10
C THR A 159 -32.28 -9.28 7.39
N LEU A 160 -33.52 -8.98 7.74
CA LEU A 160 -34.14 -9.57 8.93
C LEU A 160 -34.30 -11.09 8.81
N PHE A 161 -34.48 -11.57 7.59
CA PHE A 161 -34.81 -12.98 7.38
C PHE A 161 -33.74 -13.77 6.63
N ASP A 162 -33.09 -13.13 5.66
CA ASP A 162 -32.18 -13.87 4.80
C ASP A 162 -30.80 -13.24 4.59
N ILE A 163 -29.86 -14.10 4.23
CA ILE A 163 -28.58 -13.68 3.68
C ILE A 163 -28.55 -14.11 2.21
N TYR A 164 -28.43 -13.12 1.34
CA TYR A 164 -28.26 -13.32 -0.10
C TYR A 164 -26.80 -13.16 -0.49
N ILE A 165 -26.36 -13.99 -1.42
CA ILE A 165 -25.00 -13.88 -1.94
C ILE A 165 -25.04 -13.57 -3.43
N LEU A 166 -24.44 -12.46 -3.82
CA LEU A 166 -24.39 -12.07 -5.22
C LEU A 166 -22.96 -12.03 -5.72
N THR A 167 -22.78 -12.09 -7.03
CA THR A 167 -21.48 -11.90 -7.62
C THR A 167 -21.42 -10.48 -8.16
N ILE A 168 -20.26 -9.87 -8.03
CA ILE A 168 -20.01 -8.57 -8.64
C ILE A 168 -18.76 -8.71 -9.48
N SER A 169 -18.85 -8.24 -10.71
CA SER A 169 -17.72 -8.36 -11.62
C SER A 169 -17.78 -7.21 -12.58
N PHE A 170 -16.77 -7.07 -13.43
CA PHE A 170 -16.78 -6.02 -14.42
C PHE A 170 -16.99 -6.57 -15.83
N ASN A 171 -17.89 -5.93 -16.57
CA ASN A 171 -18.06 -6.25 -17.97
C ASN A 171 -16.80 -5.89 -18.72
N ASP A 172 -16.39 -6.74 -19.65
CA ASP A 172 -15.15 -6.52 -20.38
C ASP A 172 -15.34 -5.65 -21.62
N ARG A 173 -16.57 -5.19 -21.83
CA ARG A 173 -16.90 -4.39 -23.00
C ARG A 173 -17.37 -2.99 -22.62
N THR A 174 -18.57 -2.91 -22.07
CA THR A 174 -19.12 -1.63 -21.61
C THR A 174 -18.49 -1.20 -20.29
N HIS A 175 -17.67 -2.08 -19.73
CA HIS A 175 -16.93 -1.80 -18.49
C HIS A 175 -17.80 -1.41 -17.30
N GLU A 176 -19.08 -1.74 -17.37
CA GLU A 176 -19.97 -1.51 -16.25
C GLU A 176 -20.04 -2.73 -15.34
N LEU A 177 -20.70 -2.56 -14.20
CA LEU A 177 -20.72 -3.58 -13.16
C LEU A 177 -21.81 -4.63 -13.39
N ASN A 178 -21.42 -5.91 -13.38
CA ASN A 178 -22.38 -7.00 -13.43
C ASN A 178 -22.61 -7.62 -12.05
N ILE A 179 -23.88 -7.66 -11.67
CA ILE A 179 -24.26 -8.19 -10.38
C ILE A 179 -25.28 -9.30 -10.55
N PHE A 180 -24.88 -10.53 -10.22
CA PHE A 180 -25.77 -11.67 -10.46
C PHE A 180 -26.11 -12.39 -9.17
N ASN A 181 -27.38 -12.70 -8.99
CA ASN A 181 -27.80 -13.52 -7.84
C ASN A 181 -27.28 -14.94 -8.02
N THR A 182 -26.66 -15.48 -6.97
CA THR A 182 -26.10 -16.83 -7.05
C THR A 182 -27.18 -17.88 -6.84
N GLY A 183 -28.31 -17.43 -6.30
CA GLY A 183 -29.39 -18.35 -5.96
C GLY A 183 -29.23 -18.85 -4.54
N LEU A 184 -28.07 -18.55 -3.94
CA LEU A 184 -27.82 -18.91 -2.55
C LEU A 184 -28.63 -18.00 -1.64
N LYS A 185 -29.28 -18.61 -0.65
CA LYS A 185 -30.12 -17.87 0.27
C LYS A 185 -30.15 -18.57 1.62
N VAL A 186 -29.84 -17.84 2.68
CA VAL A 186 -29.68 -18.46 3.99
C VAL A 186 -30.64 -17.88 5.02
N ASN A 187 -31.40 -18.74 5.68
CA ASN A 187 -32.31 -18.30 6.73
C ASN A 187 -31.55 -17.81 7.97
N VAL A 188 -31.79 -16.55 8.32
CA VAL A 188 -31.23 -15.95 9.54
C VAL A 188 -32.29 -15.15 10.30
N THR A 189 -33.49 -15.71 10.41
CA THR A 189 -34.65 -14.99 10.94
C THR A 189 -34.51 -14.50 12.39
N GLY A 190 -34.01 -15.35 13.28
CA GLY A 190 -33.86 -14.93 14.66
C GLY A 190 -32.51 -14.32 15.01
N PHE A 191 -31.75 -13.90 13.99
CA PHE A 191 -30.38 -13.46 14.20
C PHE A 191 -30.18 -11.96 14.37
N ASN A 192 -30.81 -11.19 13.49
CA ASN A 192 -30.49 -9.76 13.34
C ASN A 192 -29.00 -9.54 13.13
N VAL A 193 -28.51 -9.98 11.96
CA VAL A 193 -27.09 -9.91 11.64
C VAL A 193 -26.56 -8.49 11.78
N SER A 194 -25.47 -8.34 12.51
CA SER A 194 -24.92 -7.04 12.84
C SER A 194 -23.51 -6.83 12.29
N ASN A 195 -22.81 -7.93 12.01
CA ASN A 195 -21.47 -7.86 11.44
C ASN A 195 -21.20 -9.01 10.49
N ILE A 196 -20.44 -8.72 9.44
CA ILE A 196 -20.02 -9.73 8.48
C ILE A 196 -18.54 -9.49 8.14
N ILE A 197 -17.76 -10.57 8.03
CA ILE A 197 -16.37 -10.44 7.66
C ILE A 197 -15.83 -11.74 7.08
N SER A 198 -14.75 -11.66 6.30
CA SER A 198 -14.19 -12.86 5.68
C SER A 198 -12.71 -13.08 5.94
N TYR A 199 -12.34 -14.36 5.98
CA TYR A 199 -10.96 -14.79 5.90
C TYR A 199 -10.73 -15.13 4.43
N GLU A 200 -9.92 -14.31 3.77
CA GLU A 200 -9.74 -14.35 2.32
C GLU A 200 -8.96 -15.55 1.81
N ARG A 201 -8.00 -16.02 2.61
CA ARG A 201 -7.18 -17.17 2.23
C ARG A 201 -8.04 -18.40 1.96
N THR A 202 -9.12 -18.54 2.72
CA THR A 202 -10.01 -19.68 2.58
C THR A 202 -11.37 -19.27 2.03
N GLY A 203 -11.68 -17.99 2.13
CA GLY A 203 -12.96 -17.49 1.65
C GLY A 203 -14.04 -17.71 2.68
N GLN A 204 -13.64 -17.95 3.91
CA GLN A 204 -14.62 -18.22 4.95
C GLN A 204 -15.35 -16.94 5.34
N ILE A 205 -16.65 -17.06 5.61
CA ILE A 205 -17.43 -15.91 6.03
C ILE A 205 -17.93 -16.10 7.44
N PHE A 206 -17.51 -15.21 8.34
CA PHE A 206 -17.99 -15.19 9.72
C PHE A 206 -18.96 -14.03 9.88
N PHE A 207 -19.91 -14.18 10.79
CA PHE A 207 -20.90 -13.13 11.04
C PHE A 207 -21.43 -13.19 12.46
N THR A 208 -21.97 -12.07 12.92
CA THR A 208 -22.60 -12.03 14.24
C THR A 208 -24.06 -11.58 14.15
N GLY A 209 -24.81 -11.85 15.21
CA GLY A 209 -26.16 -11.37 15.32
C GLY A 209 -26.31 -10.51 16.55
N ALA A 210 -27.14 -9.47 16.46
CA ALA A 210 -27.36 -8.55 17.57
C ALA A 210 -28.13 -9.20 18.70
N THR A 211 -28.64 -10.40 18.47
CA THR A 211 -29.46 -11.09 19.47
C THR A 211 -28.78 -12.37 20.00
N ASP A 212 -27.52 -12.57 19.65
CA ASP A 212 -26.82 -13.79 20.04
C ASP A 212 -25.54 -13.49 20.82
N GLY A 213 -25.53 -12.39 21.55
CA GLY A 213 -24.41 -12.05 22.41
C GLY A 213 -23.10 -11.90 21.65
N VAL A 214 -22.04 -12.51 22.19
CA VAL A 214 -20.71 -12.41 21.60
C VAL A 214 -20.37 -13.64 20.76
N ASN A 215 -21.40 -14.42 20.42
CA ASN A 215 -21.18 -15.63 19.63
C ASN A 215 -20.80 -15.35 18.18
N VAL A 216 -19.92 -16.17 17.64
CA VAL A 216 -19.50 -16.02 16.25
C VAL A 216 -20.02 -17.17 15.41
N TRP A 217 -20.79 -16.82 14.38
CA TRP A 217 -21.31 -17.83 13.48
C TRP A 217 -20.50 -17.84 12.20
N GLU A 218 -20.62 -18.94 11.45
CA GLU A 218 -20.01 -19.04 10.15
C GLU A 218 -21.03 -19.43 9.09
N LEU A 219 -20.94 -18.76 7.93
CA LEU A 219 -21.72 -19.13 6.76
C LEU A 219 -20.86 -19.91 5.77
N GLN A 220 -21.30 -21.13 5.47
CA GLN A 220 -20.64 -21.97 4.47
C GLN A 220 -21.54 -22.13 3.24
N TYR A 221 -20.94 -22.31 2.07
CA TYR A 221 -21.74 -22.37 0.86
C TYR A 221 -21.21 -23.37 -0.16
N ASN A 222 -20.79 -24.53 0.35
CA ASN A 222 -20.40 -25.67 -0.48
C ASN A 222 -19.38 -25.32 -1.57
N LYS A 234 -26.01 -24.21 2.44
CA LYS A 234 -26.38 -22.84 2.78
C LYS A 234 -26.19 -22.57 4.27
N ILE A 235 -26.02 -23.62 5.06
CA ILE A 235 -26.19 -23.53 6.50
C ILE A 235 -25.20 -22.62 7.25
N CYS A 236 -25.68 -22.06 8.36
CA CYS A 236 -24.87 -21.28 9.26
C CYS A 236 -24.65 -22.11 10.52
N LEU A 237 -23.44 -22.12 11.07
CA LEU A 237 -23.14 -22.88 12.30
C LEU A 237 -22.41 -22.03 13.34
N THR A 238 -22.62 -22.32 14.63
CA THR A 238 -21.95 -21.55 15.69
C THR A 238 -20.53 -22.07 15.91
N LYS A 239 -19.63 -21.17 16.31
CA LYS A 239 -18.24 -21.54 16.47
C LYS A 239 -17.84 -21.42 17.93
N SER A 240 -18.71 -20.78 18.70
CA SER A 240 -18.35 -20.33 20.03
C SER A 240 -19.29 -20.93 21.08
N ASN A 241 -20.16 -21.81 20.62
CA ASN A 241 -21.12 -22.48 21.49
C ASN A 241 -20.82 -23.95 21.74
N LEU A 242 -21.19 -24.41 22.94
CA LEU A 242 -21.08 -25.82 23.31
C LEU A 242 -22.13 -26.64 22.54
N GLU A 272 -18.80 -7.83 26.64
CA GLU A 272 -19.34 -9.17 26.43
C GLU A 272 -20.87 -9.20 26.34
N GLU A 273 -21.49 -8.06 26.05
CA GLU A 273 -22.92 -8.03 25.75
C GLU A 273 -23.17 -8.39 24.28
N THR A 274 -22.86 -7.46 23.36
CA THR A 274 -22.92 -7.79 21.93
C THR A 274 -21.65 -7.36 21.17
N ILE A 275 -21.47 -7.92 19.98
CA ILE A 275 -20.30 -7.61 19.15
C ILE A 275 -20.52 -6.37 18.31
N SER A 276 -19.64 -5.39 18.45
CA SER A 276 -19.76 -4.16 17.69
C SER A 276 -18.80 -4.12 16.51
N GLN A 277 -17.79 -5.01 16.49
CA GLN A 277 -16.89 -5.05 15.34
C GLN A 277 -16.19 -6.39 15.15
N LEU A 278 -16.12 -6.84 13.91
CA LEU A 278 -15.31 -8.01 13.57
C LEU A 278 -14.07 -7.55 12.79
N GLU A 279 -12.94 -8.18 13.07
CA GLU A 279 -11.69 -7.84 12.39
C GLU A 279 -10.86 -9.09 12.13
N VAL A 280 -10.47 -9.31 10.88
CA VAL A 280 -9.64 -10.46 10.55
C VAL A 280 -8.19 -10.09 10.23
N ASP A 281 -7.26 -10.73 10.94
CA ASP A 281 -5.85 -10.74 10.60
C ASP A 281 -5.69 -11.72 9.44
N GLN A 282 -5.57 -11.18 8.24
CA GLN A 282 -5.52 -11.96 7.01
C GLN A 282 -4.17 -12.66 6.82
N SER A 283 -3.11 -12.09 7.39
CA SER A 283 -1.77 -12.65 7.23
C SER A 283 -1.53 -13.85 8.14
N ARG A 284 -2.29 -13.94 9.23
CA ARG A 284 -2.13 -15.04 10.19
C ARG A 284 -3.38 -15.92 10.28
N GLY A 285 -4.52 -15.39 9.81
CA GLY A 285 -5.77 -16.08 9.98
C GLY A 285 -6.23 -16.01 11.43
N VAL A 286 -6.36 -14.79 11.93
CA VAL A 286 -6.85 -14.61 13.30
C VAL A 286 -8.14 -13.82 13.28
N LEU A 287 -9.10 -14.19 14.12
CA LEU A 287 -10.35 -13.45 14.21
C LEU A 287 -10.45 -12.68 15.53
N HIS A 288 -10.55 -11.37 15.44
CA HIS A 288 -10.76 -10.52 16.62
C HIS A 288 -12.18 -10.01 16.63
N THR A 289 -12.80 -10.04 17.81
CA THR A 289 -14.11 -9.45 17.97
C THR A 289 -14.02 -8.36 19.02
N LEU A 290 -14.67 -7.24 18.74
CA LEU A 290 -14.80 -6.16 19.70
C LEU A 290 -16.27 -6.06 20.11
N SER A 291 -16.50 -6.12 21.42
CA SER A 291 -17.84 -6.08 21.98
C SER A 291 -18.20 -4.71 22.55
N THR A 292 -19.48 -4.52 22.86
CA THR A 292 -19.98 -3.25 23.36
C THR A 292 -19.40 -2.82 24.71
N LYS A 293 -18.77 -3.75 25.41
CA LYS A 293 -18.17 -3.43 26.70
C LYS A 293 -16.64 -3.27 26.62
N SER A 294 -16.16 -3.05 25.40
CA SER A 294 -14.73 -2.83 25.13
C SER A 294 -13.88 -4.03 25.52
N ILE A 295 -14.35 -5.20 25.14
CA ILE A 295 -13.60 -6.42 25.35
C ILE A 295 -13.26 -7.02 24.00
N VAL A 296 -11.97 -7.29 23.79
CA VAL A 296 -11.51 -7.90 22.56
C VAL A 296 -11.29 -9.40 22.76
N ARG A 297 -11.82 -10.20 21.86
CA ARG A 297 -11.62 -11.64 21.90
C ARG A 297 -10.91 -12.09 20.64
N SER A 298 -9.80 -12.80 20.79
CA SER A 298 -9.06 -13.30 19.64
C SER A 298 -9.12 -14.82 19.54
N TYR A 299 -9.32 -15.30 18.32
CA TYR A 299 -9.48 -16.72 18.02
C TYR A 299 -8.53 -17.08 16.88
N LEU A 300 -7.93 -18.26 16.96
CA LEU A 300 -7.17 -18.78 15.84
C LEU A 300 -8.14 -19.45 14.89
N ILE A 301 -8.15 -19.00 13.65
CA ILE A 301 -8.97 -19.63 12.63
C ILE A 301 -8.26 -20.90 12.15
N THR A 302 -8.88 -22.05 12.40
CA THR A 302 -8.32 -23.32 11.94
C THR A 302 -9.31 -23.99 11.01
N SER A 303 -8.93 -25.13 10.45
CA SER A 303 -9.79 -25.86 9.53
C SER A 303 -10.95 -26.52 10.27
N ASN A 304 -10.77 -26.72 11.57
CA ASN A 304 -11.79 -27.37 12.40
C ASN A 304 -12.52 -26.39 13.30
N GLY A 305 -12.33 -25.10 13.05
CA GLY A 305 -13.05 -24.09 13.77
C GLY A 305 -12.21 -22.99 14.37
N LEU A 306 -12.76 -22.35 15.41
CA LEU A 306 -12.06 -21.28 16.11
C LEU A 306 -11.45 -21.82 17.39
N VAL A 307 -10.19 -21.46 17.63
CA VAL A 307 -9.51 -21.81 18.87
C VAL A 307 -9.33 -20.58 19.75
N GLY A 308 -9.97 -20.59 20.92
CA GLY A 308 -9.89 -19.47 21.85
C GLY A 308 -11.16 -19.32 22.66
N PRO A 309 -11.46 -18.09 23.10
CA PRO A 309 -10.70 -16.87 22.79
C PRO A 309 -9.70 -16.46 23.86
N VAL A 310 -8.72 -15.65 23.46
CA VAL A 310 -7.91 -14.92 24.43
C VAL A 310 -8.47 -13.51 24.54
N LEU A 311 -8.35 -12.91 25.73
CA LEU A 311 -9.06 -11.67 26.02
C LEU A 311 -8.18 -10.44 26.21
N ILE A 312 -8.70 -9.29 25.81
CA ILE A 312 -8.17 -8.02 26.22
C ILE A 312 -9.31 -7.23 26.83
N ASP A 313 -9.11 -6.73 28.04
CA ASP A 313 -10.09 -5.86 28.69
C ASP A 313 -9.38 -4.69 29.35
N ALA A 314 -10.16 -3.83 29.99
CA ALA A 314 -9.62 -2.67 30.69
C ALA A 314 -8.56 -3.04 31.74
N ALA A 315 -8.79 -4.15 32.44
CA ALA A 315 -7.87 -4.60 33.48
C ALA A 315 -6.54 -5.03 32.88
N HIS A 316 -6.61 -5.79 31.80
CA HIS A 316 -5.44 -6.25 31.06
C HIS A 316 -4.60 -5.04 30.67
N ILE A 317 -5.30 -3.99 30.22
CA ILE A 317 -4.64 -2.78 29.75
C ILE A 317 -3.99 -1.99 30.88
N ARG A 318 -4.65 -1.92 32.04
CA ARG A 318 -4.02 -1.32 33.21
C ARG A 318 -2.76 -2.08 33.63
N ARG A 319 -2.82 -3.42 33.64
CA ARG A 319 -1.65 -4.24 33.92
C ARG A 319 -0.52 -3.94 32.97
N GLY A 320 -0.83 -3.90 31.67
CA GLY A 320 0.15 -3.62 30.64
C GLY A 320 0.78 -2.25 30.80
N MET A 321 -0.02 -1.24 31.10
CA MET A 321 0.48 0.12 31.27
C MET A 321 1.41 0.20 32.48
N ASN A 322 0.98 -0.41 33.58
CA ASN A 322 1.81 -0.44 34.78
C ASN A 322 3.13 -1.17 34.52
N ALA A 323 3.07 -2.23 33.71
CA ALA A 323 4.28 -2.97 33.35
C ALA A 323 5.18 -2.15 32.43
N LEU A 324 4.60 -1.23 31.67
CA LEU A 324 5.38 -0.36 30.79
C LEU A 324 6.00 0.82 31.54
N GLY A 325 5.54 1.04 32.77
CA GLY A 325 6.06 2.13 33.57
C GLY A 325 5.22 3.39 33.41
N VAL A 326 4.22 3.34 32.55
CA VAL A 326 3.34 4.48 32.33
C VAL A 326 2.11 4.35 33.20
N LYS A 327 1.96 5.25 34.16
CA LYS A 327 0.93 5.09 35.18
C LYS A 327 -0.08 6.22 35.24
N ASN A 328 -1.32 5.86 35.58
CA ASN A 328 -2.40 6.81 35.80
C ASN A 328 -2.62 7.84 34.69
N SER A 329 -2.79 7.37 33.45
CA SER A 329 -3.18 8.26 32.37
C SER A 329 -4.67 8.53 32.48
N PRO A 330 -5.05 9.81 32.55
CA PRO A 330 -6.48 10.15 32.59
C PRO A 330 -7.24 9.64 31.36
N LEU A 331 -6.53 9.47 30.24
CA LEU A 331 -7.12 8.96 29.01
C LEU A 331 -7.42 7.47 29.09
N LEU A 332 -6.76 6.78 30.02
CA LEU A 332 -6.91 5.34 30.14
C LEU A 332 -7.56 4.93 31.45
N SER A 333 -8.05 5.90 32.22
CA SER A 333 -8.72 5.61 33.48
C SER A 333 -9.93 4.72 33.23
N ASN A 334 -10.41 4.06 34.27
CA ASN A 334 -11.49 3.08 34.12
C ASN A 334 -12.80 3.72 33.67
N ARG A 335 -12.99 4.98 34.06
CA ARG A 335 -14.17 5.73 33.65
C ARG A 335 -14.07 6.17 32.19
N ALA A 336 -12.94 6.74 31.83
CA ALA A 336 -12.75 7.32 30.50
C ALA A 336 -12.45 6.27 29.43
N PHE A 337 -12.30 5.01 29.83
CA PHE A 337 -11.85 3.99 28.89
C PHE A 337 -12.97 3.36 28.07
N LYS A 338 -12.79 3.40 26.75
CA LYS A 338 -13.69 2.74 25.82
C LYS A 338 -12.94 2.57 24.49
N ILE A 339 -13.18 1.44 23.82
CA ILE A 339 -12.50 1.19 22.55
C ILE A 339 -13.33 1.67 21.36
N ALA A 340 -12.74 2.53 20.55
CA ALA A 340 -13.36 3.00 19.31
C ALA A 340 -13.19 2.01 18.17
N LYS A 341 -11.96 1.54 17.96
CA LYS A 341 -11.65 0.73 16.78
C LYS A 341 -10.49 -0.24 17.07
N ILE A 342 -10.56 -1.44 16.49
CA ILE A 342 -9.42 -2.33 16.50
C ILE A 342 -8.97 -2.62 15.07
N VAL A 343 -7.66 -2.69 14.86
CA VAL A 343 -7.12 -2.90 13.53
C VAL A 343 -5.97 -3.89 13.61
N SER A 344 -6.03 -4.93 12.79
CA SER A 344 -4.98 -5.94 12.83
C SER A 344 -3.73 -5.45 12.12
N ILE A 345 -2.61 -6.03 12.50
CA ILE A 345 -1.32 -5.71 11.93
C ILE A 345 -0.79 -6.95 11.23
N SER A 346 -0.31 -6.80 10.01
CA SER A 346 0.18 -7.93 9.24
C SER A 346 1.53 -8.39 9.75
N MET A 347 1.77 -9.70 9.72
CA MET A 347 3.07 -10.22 10.16
C MET A 347 4.16 -9.80 9.18
N CYS A 348 3.75 -9.41 7.98
CA CYS A 348 4.67 -8.85 6.99
C CYS A 348 5.16 -7.47 7.42
N GLU A 349 4.38 -6.79 8.24
CA GLU A 349 4.73 -5.45 8.71
C GLU A 349 5.46 -5.54 10.04
N ASN A 350 5.06 -6.51 10.86
CA ASN A 350 5.69 -6.75 12.15
C ASN A 350 5.42 -8.18 12.59
N ASN A 351 6.48 -8.93 12.87
CA ASN A 351 6.34 -10.33 13.24
C ASN A 351 5.63 -10.53 14.58
N ASP A 352 5.84 -9.59 15.49
CA ASP A 352 5.30 -9.72 16.86
C ASP A 352 3.92 -9.07 17.03
N LEU A 353 3.76 -7.86 16.51
CA LEU A 353 2.52 -7.12 16.69
C LEU A 353 1.33 -7.76 15.98
N PHE A 354 0.25 -7.96 16.73
CA PHE A 354 -0.94 -8.60 16.22
C PHE A 354 -2.07 -7.59 15.99
N LEU A 355 -2.14 -6.59 16.85
CA LEU A 355 -3.34 -5.77 16.92
C LEU A 355 -3.08 -4.37 17.46
N ALA A 356 -3.66 -3.38 16.81
CA ALA A 356 -3.68 -2.03 17.35
C ALA A 356 -5.06 -1.72 17.87
N VAL A 357 -5.13 -1.07 19.03
CA VAL A 357 -6.41 -0.70 19.59
C VAL A 357 -6.49 0.81 19.69
N ILE A 358 -7.53 1.37 19.09
CA ILE A 358 -7.77 2.80 19.15
C ILE A 358 -8.86 3.08 20.16
N THR A 359 -8.58 3.93 21.14
CA THR A 359 -9.57 4.24 22.17
C THR A 359 -10.36 5.49 21.77
N THR A 360 -11.46 5.73 22.49
CA THR A 360 -12.27 6.93 22.25
C THR A 360 -11.56 8.21 22.72
N THR A 361 -10.37 8.08 23.29
CA THR A 361 -9.56 9.25 23.62
C THR A 361 -8.42 9.45 22.62
N GLY A 362 -8.33 8.52 21.66
CA GLY A 362 -7.39 8.66 20.57
C GLY A 362 -6.05 8.03 20.84
N VAL A 363 -5.99 7.18 21.86
CA VAL A 363 -4.76 6.49 22.22
C VAL A 363 -4.61 5.22 21.39
N ARG A 364 -3.39 4.97 20.89
CA ARG A 364 -3.13 3.72 20.20
C ARG A 364 -2.39 2.72 21.10
N LEU A 365 -3.00 1.55 21.30
CA LEU A 365 -2.40 0.50 22.10
C LEU A 365 -1.97 -0.65 21.21
N TYR A 366 -0.70 -1.00 21.25
CA TYR A 366 -0.14 -2.08 20.45
C TYR A 366 0.16 -3.32 21.28
N PHE A 367 -0.38 -4.44 20.78
CA PHE A 367 -0.30 -5.74 21.45
C PHE A 367 0.43 -6.76 20.60
N LYS A 368 1.40 -7.43 21.21
CA LYS A 368 2.07 -8.53 20.54
C LYS A 368 1.39 -9.85 20.89
N GLY A 369 1.67 -10.88 20.11
CA GLY A 369 1.11 -12.19 20.37
C GLY A 369 1.98 -13.29 19.81
N SER A 370 1.43 -14.50 19.79
CA SER A 370 2.11 -15.65 19.23
C SER A 370 1.08 -16.72 18.92
N ILE A 371 1.28 -17.45 17.83
CA ILE A 371 0.37 -18.51 17.45
C ILE A 371 1.12 -19.76 17.00
N SER A 372 0.57 -20.92 17.33
CA SER A 372 1.06 -22.19 16.83
C SER A 372 -0.06 -22.86 16.06
N ARG A 373 0.10 -24.14 15.73
CA ARG A 373 -0.83 -24.83 14.85
C ARG A 373 -2.27 -24.88 15.36
N ARG A 374 -2.45 -25.15 16.65
CA ARG A 374 -3.78 -25.19 17.23
C ARG A 374 -3.86 -24.46 18.57
N SER A 375 -3.11 -23.38 18.69
CA SER A 375 -3.16 -22.57 19.90
C SER A 375 -2.83 -21.10 19.64
N ILE A 376 -3.32 -20.23 20.52
CA ILE A 376 -3.04 -18.81 20.42
C ILE A 376 -2.71 -18.26 21.81
N GLY A 377 -1.62 -17.51 21.91
CA GLY A 377 -1.20 -16.94 23.17
C GLY A 377 -1.99 -15.70 23.53
N SER A 378 -2.07 -15.40 24.82
CA SER A 378 -2.71 -14.17 25.28
C SER A 378 -1.93 -12.98 24.76
N LEU A 379 -2.64 -11.94 24.31
CA LEU A 379 -1.98 -10.76 23.77
C LEU A 379 -1.38 -9.91 24.89
N LYS A 380 -0.18 -9.40 24.65
CA LYS A 380 0.50 -8.55 25.63
C LYS A 380 0.67 -7.13 25.09
N LEU A 381 0.38 -6.15 25.94
CA LEU A 381 0.56 -4.76 25.56
C LEU A 381 2.04 -4.48 25.34
N ASP A 382 2.42 -4.18 24.11
CA ASP A 382 3.81 -3.96 23.76
C ASP A 382 4.15 -2.48 23.82
N SER A 383 3.23 -1.65 23.33
CA SER A 383 3.51 -0.20 23.39
C SER A 383 2.26 0.64 23.35
N VAL A 384 2.43 1.94 23.58
CA VAL A 384 1.32 2.86 23.60
C VAL A 384 1.74 4.20 22.99
N LYS A 385 0.86 4.78 22.17
CA LYS A 385 1.07 6.11 21.63
C LYS A 385 -0.07 7.03 22.04
N PHE A 386 0.28 8.13 22.70
CA PHE A 386 -0.69 9.11 23.16
C PHE A 386 -0.86 10.22 22.12
N PRO A 387 -1.99 10.94 22.18
CA PRO A 387 -2.22 12.05 21.24
C PRO A 387 -1.15 13.12 21.36
N PRO A 388 -0.98 13.94 20.31
CA PRO A 388 -0.05 15.06 20.39
C PRO A 388 -0.66 16.17 21.24
N THR A 389 0.15 17.13 21.69
CA THR A 389 -0.35 18.20 22.56
C THR A 389 -0.54 19.52 21.82
N SER A 390 0.52 20.02 21.20
CA SER A 390 0.48 21.33 20.55
C SER A 390 1.75 21.56 19.72
N GLY A 414 11.16 13.41 28.24
CA GLY A 414 10.30 13.23 27.08
C GLY A 414 8.93 13.87 27.26
N PRO A 415 8.19 14.01 26.15
CA PRO A 415 6.85 14.61 26.11
C PRO A 415 5.75 13.66 26.58
N LEU A 416 6.14 12.43 26.91
CA LEU A 416 5.21 11.43 27.43
C LEU A 416 4.30 12.00 28.51
N SER A 417 4.93 12.61 29.51
CA SER A 417 4.23 13.18 30.66
C SER A 417 3.09 14.11 30.25
N THR A 418 3.28 14.87 29.17
CA THR A 418 2.18 15.73 28.73
C THR A 418 1.24 14.98 27.78
N GLN A 419 1.80 14.13 26.92
CA GLN A 419 0.99 13.38 25.97
C GLN A 419 0.02 12.47 26.70
N LYS A 420 0.45 12.02 27.88
CA LYS A 420 -0.36 11.19 28.76
C LYS A 420 -1.74 11.79 29.04
N ALA A 421 -1.83 13.12 29.01
CA ALA A 421 -3.09 13.78 29.37
C ALA A 421 -3.68 14.65 28.25
N SER A 422 -3.11 14.55 27.04
CA SER A 422 -3.58 15.34 25.91
C SER A 422 -5.05 15.08 25.59
N SER A 423 -5.81 16.16 25.36
CA SER A 423 -7.22 16.03 25.03
C SER A 423 -7.48 16.31 23.55
N THR A 424 -6.41 16.44 22.77
CA THR A 424 -6.50 16.74 21.33
C THR A 424 -7.46 15.82 20.57
N TYR A 425 -7.57 14.57 20.99
CA TYR A 425 -8.37 13.58 20.26
C TYR A 425 -9.66 13.18 20.98
N ILE A 426 -10.07 13.99 21.95
CA ILE A 426 -11.32 13.75 22.68
C ILE A 426 -12.50 14.43 21.99
N ASN A 427 -13.46 13.66 21.49
CA ASN A 427 -13.42 12.20 21.48
C ASN A 427 -13.19 11.62 20.08
N THR A 428 -12.69 10.40 20.04
CA THR A 428 -12.35 9.73 18.79
C THR A 428 -13.43 8.73 18.42
N THR A 429 -13.91 8.78 17.19
CA THR A 429 -15.01 7.92 16.77
C THR A 429 -14.50 6.64 16.12
N CYS A 430 -15.40 5.70 15.88
CA CYS A 430 -15.05 4.40 15.34
C CYS A 430 -14.82 4.44 13.83
N ALA A 431 -14.97 5.61 13.22
CA ALA A 431 -14.65 5.76 11.80
C ALA A 431 -13.13 5.90 11.64
N SER A 432 -12.45 6.12 12.75
CA SER A 432 -11.00 6.20 12.76
C SER A 432 -10.40 4.86 12.37
N THR A 433 -9.26 4.88 11.72
CA THR A 433 -8.64 3.66 11.22
C THR A 433 -7.15 3.84 11.08
N ILE A 434 -6.45 2.73 10.89
CA ILE A 434 -5.03 2.76 10.58
C ILE A 434 -4.81 2.03 9.25
N ILE A 435 -4.16 2.72 8.32
CA ILE A 435 -3.90 2.20 7.00
C ILE A 435 -2.43 1.83 6.94
N SER A 436 -2.13 0.63 6.47
CA SER A 436 -0.74 0.17 6.42
C SER A 436 0.04 0.98 5.39
N PRO A 437 1.26 1.41 5.75
CA PRO A 437 1.92 1.19 7.04
C PRO A 437 1.81 2.34 8.05
N GLY A 438 1.02 2.13 9.09
CA GLY A 438 1.03 2.99 10.27
C GLY A 438 0.36 4.35 10.17
N ILE A 439 -0.35 4.57 9.06
CA ILE A 439 -1.01 5.85 8.83
C ILE A 439 -2.34 5.95 9.58
N TYR A 440 -2.40 6.91 10.50
CA TYR A 440 -3.48 6.97 11.47
C TYR A 440 -4.45 8.10 11.11
N PHE A 441 -5.68 7.73 10.78
CA PHE A 441 -6.72 8.73 10.52
C PHE A 441 -7.64 8.84 11.72
N THR A 442 -7.63 10.00 12.36
CA THR A 442 -8.35 10.21 13.60
C THR A 442 -9.57 11.10 13.41
N CYS A 443 -10.75 10.49 13.51
CA CYS A 443 -12.01 11.22 13.45
C CYS A 443 -12.41 11.70 14.83
N VAL A 444 -12.22 12.99 15.07
CA VAL A 444 -12.47 13.53 16.39
C VAL A 444 -13.82 14.25 16.44
N ARG A 445 -14.59 13.98 17.49
CA ARG A 445 -15.80 14.71 17.75
C ARG A 445 -15.68 15.45 19.09
N LYS A 446 -15.54 16.77 19.03
CA LYS A 446 -15.46 17.60 20.23
C LYS A 446 -16.83 17.71 20.91
N ARG A 447 -16.87 18.43 22.02
CA ARG A 447 -18.10 18.60 22.79
C ARG A 447 -18.50 20.08 22.80
N ALA A 448 -18.19 20.77 21.71
CA ALA A 448 -18.45 22.20 21.61
C ALA A 448 -19.62 22.48 20.67
N GLU A 468 -18.65 19.26 17.16
CA GLU A 468 -17.77 19.67 16.06
C GLU A 468 -16.84 18.53 15.62
N HIS A 469 -16.79 18.27 14.33
CA HIS A 469 -15.98 17.18 13.81
C HIS A 469 -14.67 17.67 13.21
N LYS A 470 -13.57 17.04 13.64
CA LYS A 470 -12.25 17.36 13.14
C LYS A 470 -11.59 16.09 12.58
N LEU A 471 -10.83 16.24 11.51
CA LEU A 471 -10.08 15.09 10.98
C LEU A 471 -8.58 15.32 11.10
N TYR A 472 -7.89 14.39 11.76
CA TYR A 472 -6.43 14.44 11.82
C TYR A 472 -5.81 13.28 11.07
N VAL A 473 -4.61 13.49 10.57
CA VAL A 473 -3.85 12.34 10.07
C VAL A 473 -2.44 12.36 10.64
N SER A 474 -1.94 11.18 10.98
CA SER A 474 -0.57 11.02 11.45
C SER A 474 0.12 10.02 10.55
N ALA A 475 1.16 10.46 9.84
CA ALA A 475 1.92 9.57 8.99
C ALA A 475 3.35 9.49 9.49
N PRO A 476 3.84 8.25 9.73
CA PRO A 476 5.23 8.11 10.12
C PRO A 476 6.14 8.70 9.04
N ASP A 477 7.22 9.36 9.44
CA ASP A 477 8.15 9.91 8.48
C ASP A 477 9.15 8.83 8.10
N TYR A 478 8.82 8.08 7.05
CA TYR A 478 9.63 6.94 6.63
C TYR A 478 11.08 7.30 6.35
N GLY A 479 11.30 8.39 5.62
CA GLY A 479 12.63 8.83 5.29
C GLY A 479 13.50 9.07 6.51
N ILE A 480 12.92 9.70 7.53
CA ILE A 480 13.62 9.96 8.78
C ILE A 480 13.93 8.64 9.49
N LEU A 481 12.98 7.71 9.44
CA LEU A 481 13.17 6.41 10.08
C LEU A 481 14.33 5.64 9.46
N LYS A 482 14.42 5.63 8.14
CA LYS A 482 15.51 4.90 7.48
C LYS A 482 16.84 5.67 7.46
N ASN A 483 16.77 6.99 7.63
CA ASN A 483 17.99 7.80 7.61
C ASN A 483 18.66 7.88 8.97
N TYR A 484 17.85 7.95 10.02
CA TYR A 484 18.33 8.19 11.38
C TYR A 484 18.01 7.06 12.34
N GLY A 485 17.12 6.16 11.95
CA GLY A 485 16.66 5.12 12.86
C GLY A 485 15.79 5.72 13.94
N LYS A 486 15.16 6.83 13.62
CA LYS A 486 14.36 7.59 14.59
C LYS A 486 12.91 7.64 14.12
N TYR A 487 11.97 7.45 15.05
CA TYR A 487 10.55 7.46 14.70
C TYR A 487 9.91 8.83 14.93
N VAL A 488 9.39 9.42 13.86
CA VAL A 488 8.71 10.70 13.91
C VAL A 488 7.38 10.60 13.17
N GLU A 489 6.32 11.11 13.77
CA GLU A 489 5.05 11.20 13.05
C GLU A 489 4.75 12.63 12.60
N ASN A 490 4.44 12.81 11.33
CA ASN A 490 3.95 14.06 10.81
C ASN A 490 2.43 14.07 10.95
N THR A 491 1.92 14.94 11.82
CA THR A 491 0.52 14.91 12.18
C THR A 491 -0.12 16.25 11.89
N ALA A 492 -1.17 16.25 11.08
CA ALA A 492 -1.79 17.51 10.70
C ALA A 492 -3.31 17.42 10.69
N LEU A 493 -3.94 18.57 10.92
CA LEU A 493 -5.37 18.72 10.69
C LEU A 493 -5.67 18.63 9.20
N LEU A 494 -6.79 18.00 8.84
CA LEU A 494 -7.22 17.93 7.44
C LEU A 494 -8.50 18.74 7.19
N ASP A 495 -8.86 18.89 5.91
CA ASP A 495 -9.93 19.80 5.49
C ASP A 495 -11.34 19.42 5.93
N THR A 496 -11.59 18.13 6.09
CA THR A 496 -12.93 17.63 6.34
C THR A 496 -13.54 18.12 7.64
N THR A 497 -14.74 18.70 7.55
CA THR A 497 -15.42 19.25 8.71
C THR A 497 -16.71 18.51 9.03
N ASP A 498 -17.23 17.77 8.06
CA ASP A 498 -18.48 17.03 8.25
C ASP A 498 -18.26 15.73 9.01
N GLU A 499 -19.33 15.17 9.54
CA GLU A 499 -19.25 13.91 10.26
C GLU A 499 -18.73 12.81 9.33
N ILE A 500 -17.72 12.10 9.78
CA ILE A 500 -17.12 11.06 8.96
C ILE A 500 -17.78 9.69 9.17
N LYS A 501 -18.25 9.12 8.07
CA LYS A 501 -18.93 7.82 8.10
C LYS A 501 -17.92 6.68 7.94
N GLU A 502 -17.03 6.80 6.98
CA GLU A 502 -16.03 5.74 6.80
C GLU A 502 -14.75 6.26 6.16
N ILE A 503 -13.63 5.60 6.43
CA ILE A 503 -12.35 5.96 5.81
C ILE A 503 -11.68 4.71 5.28
N VAL A 504 -11.41 4.69 3.98
CA VAL A 504 -10.95 3.49 3.31
C VAL A 504 -9.89 3.83 2.25
N PRO A 505 -8.79 3.08 2.18
CA PRO A 505 -7.84 3.33 1.09
C PRO A 505 -8.41 2.82 -0.25
N LEU A 506 -8.26 3.60 -1.32
CA LEU A 506 -8.79 3.20 -2.63
C LEU A 506 -7.79 2.39 -3.43
N THR A 507 -6.56 2.33 -2.92
CA THR A 507 -5.49 1.65 -3.62
C THR A 507 -4.75 0.71 -2.69
N ARG A 508 -3.91 -0.14 -3.26
CA ARG A 508 -3.03 -1.00 -2.48
C ARG A 508 -2.05 -0.16 -1.66
N SER A 509 -1.67 -0.68 -0.50
CA SER A 509 -0.70 0.02 0.35
C SER A 509 0.66 0.02 -0.31
N PHE A 510 1.42 1.10 -0.08
CA PHE A 510 2.69 1.29 -0.78
C PHE A 510 3.90 0.68 -0.08
N ASN A 511 3.67 -0.39 0.69
CA ASN A 511 4.77 -1.10 1.33
C ASN A 511 5.75 -1.61 0.27
N TYR A 512 7.03 -1.68 0.62
CA TYR A 512 8.05 -2.02 -0.36
C TYR A 512 8.39 -3.50 -0.38
N THR A 513 8.58 -4.10 0.80
CA THR A 513 8.78 -5.54 0.90
C THR A 513 7.57 -6.17 1.58
N SER A 514 7.58 -7.50 1.65
CA SER A 514 6.56 -8.27 2.37
C SER A 514 7.16 -8.83 3.65
N THR A 515 8.22 -8.18 4.13
CA THR A 515 8.90 -8.58 5.36
C THR A 515 9.04 -7.34 6.24
N PRO A 516 9.05 -7.53 7.57
CA PRO A 516 9.17 -6.38 8.49
C PRO A 516 10.33 -5.45 8.14
N GLN A 517 11.47 -6.03 7.73
CA GLN A 517 12.59 -5.24 7.23
C GLN A 517 12.26 -4.66 5.86
N GLY A 518 12.44 -3.35 5.72
CA GLY A 518 12.17 -2.69 4.45
C GLY A 518 10.70 -2.48 4.12
N TYR A 519 9.81 -2.95 4.99
CA TYR A 519 8.37 -2.87 4.74
C TYR A 519 7.89 -1.45 4.43
N ALA A 520 8.23 -0.51 5.31
CA ALA A 520 7.75 0.86 5.18
C ALA A 520 8.69 1.77 4.40
N ASN A 521 9.63 1.18 3.65
CA ASN A 521 10.54 1.97 2.83
C ASN A 521 9.83 2.59 1.62
N VAL A 522 9.06 3.64 1.87
CA VAL A 522 8.26 4.31 0.84
C VAL A 522 9.14 5.04 -0.19
N PHE A 523 10.35 5.43 0.23
CA PHE A 523 11.31 6.04 -0.68
C PHE A 523 11.71 5.07 -1.81
N ALA A 524 11.72 3.78 -1.53
CA ALA A 524 12.06 2.78 -2.54
C ALA A 524 10.87 2.43 -3.42
N SER A 525 9.66 2.55 -2.87
CA SER A 525 8.46 2.15 -3.58
C SER A 525 7.72 3.34 -4.20
N GLN A 526 8.26 4.54 -4.04
CA GLN A 526 7.62 5.75 -4.55
C GLN A 526 7.39 5.74 -6.07
N TYR A 527 8.19 4.96 -6.80
CA TYR A 527 8.07 4.96 -8.26
C TYR A 527 7.21 3.80 -8.79
N SER A 528 7.23 2.66 -8.10
CA SER A 528 6.52 1.48 -8.57
C SER A 528 5.12 1.34 -7.96
N ALA A 529 4.99 1.75 -6.71
CA ALA A 529 3.70 1.60 -6.02
C ALA A 529 2.64 2.53 -6.59
N GLU A 530 1.39 2.11 -6.49
CA GLU A 530 0.29 2.94 -6.93
C GLU A 530 0.20 4.14 -5.99
N PRO A 531 -0.03 5.34 -6.54
CA PRO A 531 -0.16 6.54 -5.69
C PRO A 531 -1.31 6.38 -4.70
N LEU A 532 -0.99 6.46 -3.41
CA LEU A 532 -1.96 6.20 -2.35
C LEU A 532 -3.06 7.26 -2.30
N LYS A 533 -4.30 6.79 -2.37
CA LYS A 533 -5.45 7.66 -2.23
C LYS A 533 -6.36 7.10 -1.16
N VAL A 534 -6.90 7.99 -0.34
CA VAL A 534 -7.76 7.59 0.76
C VAL A 534 -9.10 8.28 0.65
N ALA A 535 -10.16 7.50 0.71
CA ALA A 535 -11.53 7.98 0.60
C ALA A 535 -12.15 8.19 1.97
N VAL A 536 -12.72 9.37 2.16
CA VAL A 536 -13.40 9.73 3.38
C VAL A 536 -14.87 9.96 3.02
N LEU A 537 -15.72 9.04 3.43
CA LEU A 537 -17.14 9.17 3.19
C LEU A 537 -17.81 9.87 4.37
N THR A 538 -18.46 10.98 4.05
CA THR A 538 -19.30 11.72 4.99
C THR A 538 -20.76 11.58 4.53
N SER A 539 -21.66 12.23 5.25
CA SER A 539 -23.09 12.13 4.96
C SER A 539 -23.48 12.84 3.66
N ASN A 540 -22.60 13.71 3.17
CA ASN A 540 -22.93 14.55 2.02
C ASN A 540 -22.05 14.28 0.81
N ALA A 541 -20.83 13.84 1.06
CA ALA A 541 -19.86 13.70 -0.03
C ALA A 541 -18.83 12.61 0.20
N LEU A 542 -18.08 12.31 -0.84
CA LEU A 542 -16.90 11.48 -0.73
C LEU A 542 -15.68 12.35 -1.03
N GLU A 543 -14.75 12.39 -0.08
CA GLU A 543 -13.58 13.24 -0.22
C GLU A 543 -12.34 12.39 -0.44
N ILE A 544 -11.53 12.77 -1.42
CA ILE A 544 -10.33 12.00 -1.70
C ILE A 544 -9.09 12.75 -1.24
N TYR A 545 -8.27 12.05 -0.46
CA TYR A 545 -7.01 12.59 0.03
C TYR A 545 -5.84 11.85 -0.61
N CYS A 546 -4.86 12.59 -1.07
CA CYS A 546 -3.71 11.99 -1.73
C CYS A 546 -2.43 12.18 -0.92
N TYR A 547 -1.66 11.09 -0.85
CA TYR A 547 -0.40 11.08 -0.14
C TYR A 547 0.64 11.84 -0.94
N ARG A 548 1.45 12.62 -0.24
CA ARG A 548 2.47 13.42 -0.89
C ARG A 548 3.83 12.71 -0.87
N THR A 549 4.32 12.38 -2.06
CA THR A 549 5.55 11.61 -2.19
C THR A 549 6.76 12.53 -2.05
N PRO A 550 7.98 11.96 -1.86
CA PRO A 550 9.21 12.73 -1.73
C PRO A 550 9.43 13.80 -2.80
N ASP A 551 9.06 13.51 -4.04
CA ASP A 551 9.24 14.47 -5.12
C ASP A 551 8.43 15.75 -4.89
N GLU A 552 7.22 15.60 -4.37
CA GLU A 552 6.35 16.74 -4.09
C GLU A 552 6.85 17.53 -2.90
N VAL A 553 7.43 16.83 -1.93
CA VAL A 553 8.03 17.47 -0.78
C VAL A 553 9.20 18.33 -1.23
N PHE A 554 10.10 17.74 -2.02
CA PHE A 554 11.24 18.47 -2.57
C PHE A 554 10.75 19.66 -3.39
N GLU A 555 9.65 19.46 -4.12
CA GLU A 555 9.07 20.51 -4.96
C GLU A 555 8.60 21.68 -4.11
N SER A 556 8.00 21.38 -2.96
CA SER A 556 7.61 22.43 -2.02
C SER A 556 8.83 23.19 -1.48
N LEU A 557 9.98 22.54 -1.50
CA LEU A 557 11.19 23.10 -0.93
C LEU A 557 12.17 23.48 -2.01
N ILE A 558 11.66 23.80 -3.19
CA ILE A 558 12.52 24.01 -4.34
C ILE A 558 13.45 25.21 -4.18
N GLU A 559 12.97 26.26 -3.52
CA GLU A 559 13.79 27.45 -3.25
C GLU A 559 14.83 27.22 -2.16
N ASN A 560 14.62 26.18 -1.33
CA ASN A 560 15.56 25.83 -0.25
C ASN A 560 15.37 24.38 0.19
N PRO A 561 16.12 23.46 -0.43
CA PRO A 561 16.02 22.02 -0.14
C PRO A 561 16.75 21.56 1.12
N LEU A 562 17.32 22.49 1.89
CA LEU A 562 18.01 22.12 3.14
C LEU A 562 17.22 21.23 4.12
N PRO A 563 15.94 21.56 4.41
CA PRO A 563 15.22 20.68 5.34
C PRO A 563 14.98 19.27 4.77
N PHE A 564 14.88 19.16 3.45
CA PHE A 564 14.79 17.86 2.79
C PHE A 564 16.07 17.07 3.03
N ILE A 565 17.21 17.70 2.78
CA ILE A 565 18.50 17.06 3.01
C ILE A 565 18.64 16.66 4.47
N HIS A 566 18.17 17.53 5.36
CA HIS A 566 18.29 17.29 6.79
C HIS A 566 17.49 16.06 7.22
N SER A 567 16.25 15.97 6.76
CA SER A 567 15.41 14.84 7.10
C SER A 567 15.84 13.54 6.43
N TYR A 568 16.16 13.62 5.15
CA TYR A 568 16.21 12.43 4.29
C TYR A 568 17.61 12.07 3.81
N GLY A 569 18.56 12.98 3.97
CA GLY A 569 19.92 12.72 3.56
C GLY A 569 20.24 13.29 2.19
N LEU A 570 21.53 13.46 1.93
CA LEU A 570 21.97 14.14 0.71
C LEU A 570 21.75 13.28 -0.55
N SER A 571 22.01 11.98 -0.44
CA SER A 571 21.78 11.06 -1.54
C SER A 571 20.32 11.04 -2.00
N GLU A 572 19.38 10.92 -1.07
CA GLU A 572 17.96 10.96 -1.41
C GLU A 572 17.60 12.28 -2.09
N ALA A 573 18.21 13.37 -1.61
CA ALA A 573 17.97 14.69 -2.17
C ALA A 573 18.42 14.77 -3.63
N CYS A 574 19.61 14.24 -3.91
CA CYS A 574 20.11 14.18 -5.28
C CYS A 574 19.25 13.27 -6.17
N SER A 575 18.83 12.14 -5.63
CA SER A 575 17.98 11.20 -6.37
C SER A 575 16.67 11.89 -6.80
N THR A 576 16.00 12.50 -5.83
CA THR A 576 14.76 13.22 -6.08
C THR A 576 14.96 14.42 -7.02
N ALA A 577 16.11 15.07 -6.91
CA ALA A 577 16.42 16.20 -7.79
C ALA A 577 16.57 15.73 -9.23
N LEU A 578 17.24 14.60 -9.41
CA LEU A 578 17.39 13.99 -10.72
C LEU A 578 16.02 13.66 -11.31
N TYR A 579 15.21 13.00 -10.49
CA TYR A 579 13.83 12.67 -10.88
C TYR A 579 13.06 13.88 -11.36
N LEU A 580 13.05 14.94 -10.55
CA LEU A 580 12.35 16.19 -10.89
C LEU A 580 12.94 16.88 -12.12
N ALA A 581 14.24 16.71 -12.34
CA ALA A 581 14.90 17.35 -13.45
C ALA A 581 14.53 16.65 -14.75
N CYS A 582 14.22 15.36 -14.65
CA CYS A 582 13.78 14.61 -15.83
C CYS A 582 12.26 14.53 -15.97
N LYS A 583 11.55 14.99 -14.94
CA LYS A 583 10.11 14.77 -14.86
C LYS A 583 9.29 15.53 -15.89
N PHE A 584 8.29 14.84 -16.42
CA PHE A 584 7.40 15.36 -17.45
C PHE A 584 6.34 16.32 -16.87
N ASN A 585 6.03 17.36 -17.64
CA ASN A 585 5.03 18.37 -17.25
C ASN A 585 5.40 19.20 -16.04
N LYS A 586 6.64 19.70 -16.01
CA LYS A 586 7.07 20.62 -14.96
C LYS A 586 7.48 21.97 -15.54
N SER A 587 7.31 23.02 -14.75
CA SER A 587 7.76 24.35 -15.14
C SER A 587 9.28 24.32 -15.31
N GLU A 588 9.79 25.20 -16.16
CA GLU A 588 11.22 25.24 -16.41
C GLU A 588 11.98 25.62 -15.14
N HIS A 589 11.34 26.43 -14.30
CA HIS A 589 11.93 26.83 -13.03
C HIS A 589 12.26 25.63 -12.16
N ILE A 590 11.28 24.74 -11.98
CA ILE A 590 11.46 23.55 -11.16
C ILE A 590 12.53 22.61 -11.71
N LYS A 591 12.47 22.33 -13.00
CA LYS A 591 13.43 21.45 -13.66
C LYS A 591 14.85 22.02 -13.59
N SER A 592 15.00 23.31 -13.83
CA SER A 592 16.32 23.93 -13.85
C SER A 592 16.88 24.08 -12.43
N SER A 593 16.00 24.25 -11.46
CA SER A 593 16.41 24.31 -10.06
C SER A 593 16.89 22.95 -9.56
N ALA A 594 16.12 21.92 -9.92
CA ALA A 594 16.47 20.54 -9.58
C ALA A 594 17.79 20.13 -10.23
N LEU A 595 17.95 20.50 -11.50
CA LEU A 595 19.18 20.21 -12.22
C LEU A 595 20.35 20.96 -11.60
N ALA A 596 20.14 22.24 -11.27
CA ALA A 596 21.18 23.04 -10.62
C ALA A 596 21.60 22.43 -9.29
N PHE A 597 20.65 21.94 -8.50
CA PHE A 597 20.99 21.28 -7.24
C PHE A 597 21.76 19.99 -7.49
N PHE A 598 21.26 19.19 -8.41
CA PHE A 598 21.88 17.90 -8.75
C PHE A 598 23.33 18.07 -9.19
N SER A 599 23.58 19.08 -10.02
CA SER A 599 24.91 19.32 -10.59
C SER A 599 25.86 20.07 -9.64
N ALA A 600 25.36 21.13 -9.03
CA ALA A 600 26.21 22.04 -8.26
C ALA A 600 25.93 22.02 -6.75
N GLY A 601 24.76 21.51 -6.37
CA GLY A 601 24.36 21.54 -4.97
C GLY A 601 23.80 22.89 -4.61
N ILE A 602 24.18 23.38 -3.44
CA ILE A 602 23.82 24.73 -3.02
C ILE A 602 25.09 25.53 -2.78
N PRO A 603 25.46 26.37 -3.77
CA PRO A 603 26.71 27.14 -3.78
C PRO A 603 26.96 27.93 -2.50
N GLY A 604 28.01 27.56 -1.78
CA GLY A 604 28.38 28.22 -0.54
C GLY A 604 27.76 27.58 0.69
N VAL A 605 26.93 26.57 0.49
CA VAL A 605 26.22 25.94 1.61
C VAL A 605 26.39 24.41 1.63
N VAL A 606 26.03 23.77 0.52
CA VAL A 606 26.09 22.31 0.43
C VAL A 606 26.82 21.91 -0.85
N GLU A 607 27.90 21.16 -0.70
CA GLU A 607 28.62 20.66 -1.88
C GLU A 607 28.45 19.17 -2.10
N ILE A 608 28.40 18.79 -3.37
CA ILE A 608 28.25 17.40 -3.78
C ILE A 608 29.54 16.93 -4.43
N LYS A 609 30.27 16.07 -3.74
CA LYS A 609 31.61 15.67 -4.16
C LYS A 609 32.03 14.39 -3.46
N PRO A 610 32.97 13.65 -4.07
CA PRO A 610 33.53 12.45 -3.44
C PRO A 610 34.60 12.82 -2.42
N LYS A 611 34.69 12.04 -1.34
CA LYS A 611 35.71 12.26 -0.33
C LYS A 611 36.55 11.02 -0.10
N SER A 612 37.66 11.18 0.62
CA SER A 612 38.57 10.08 0.87
C SER A 612 38.76 9.83 2.36
N VAL A 637 34.76 7.48 -0.31
CA VAL A 637 33.38 7.26 -0.71
C VAL A 637 33.00 8.16 -1.88
N LEU A 638 31.99 7.74 -2.64
CA LEU A 638 31.56 8.48 -3.81
C LEU A 638 30.56 9.57 -3.47
N SER A 639 30.31 10.47 -4.41
CA SER A 639 29.42 11.59 -4.18
C SER A 639 27.97 11.13 -4.10
N PRO A 640 27.13 11.89 -3.38
CA PRO A 640 25.69 11.63 -3.31
C PRO A 640 24.99 11.83 -4.65
N ARG A 641 25.67 12.43 -5.63
CA ARG A 641 25.12 12.54 -6.97
C ARG A 641 25.11 11.16 -7.64
N PHE A 642 26.21 10.44 -7.47
CA PHE A 642 26.34 9.09 -7.98
C PHE A 642 25.33 8.18 -7.30
N TYR A 643 25.29 8.25 -5.97
CA TYR A 643 24.42 7.38 -5.19
C TYR A 643 22.95 7.71 -5.45
N GLY A 644 22.65 8.99 -5.66
CA GLY A 644 21.32 9.39 -6.05
C GLY A 644 20.92 8.80 -7.39
N SER A 645 21.78 8.96 -8.40
CA SER A 645 21.51 8.42 -9.74
C SER A 645 21.30 6.90 -9.69
N ALA A 646 22.23 6.22 -9.04
CA ALA A 646 22.16 4.78 -8.88
C ALA A 646 20.89 4.35 -8.14
N LEU A 647 20.50 5.11 -7.13
CA LEU A 647 19.27 4.84 -6.39
C LEU A 647 18.07 4.91 -7.30
N LEU A 648 18.03 5.93 -8.15
CA LEU A 648 16.95 6.05 -9.12
C LEU A 648 16.90 4.81 -10.02
N ILE A 649 18.06 4.40 -10.55
CA ILE A 649 18.10 3.24 -11.43
C ILE A 649 17.63 1.96 -10.72
N THR A 650 18.12 1.74 -9.52
CA THR A 650 17.78 0.58 -8.71
C THR A 650 16.29 0.51 -8.40
N ARG A 651 15.71 1.66 -8.07
CA ARG A 651 14.31 1.69 -7.68
C ARG A 651 13.38 1.57 -8.87
N LEU A 652 13.81 2.08 -10.03
CA LEU A 652 13.02 1.94 -11.24
C LEU A 652 12.88 0.47 -11.67
N PHE A 653 13.96 -0.30 -11.50
CA PHE A 653 13.96 -1.69 -11.97
C PHE A 653 13.95 -2.68 -10.83
N SER A 654 13.45 -2.25 -9.67
CA SER A 654 13.40 -3.08 -8.50
C SER A 654 12.56 -4.33 -8.72
N GLN A 655 11.41 -4.15 -9.35
CA GLN A 655 10.43 -5.22 -9.50
C GLN A 655 10.85 -6.30 -10.49
N ILE A 656 11.58 -5.91 -11.53
CA ILE A 656 11.91 -6.85 -12.60
C ILE A 656 13.38 -7.28 -12.61
N TRP A 657 14.20 -6.69 -11.75
CA TRP A 657 15.64 -6.96 -11.75
C TRP A 657 16.00 -8.44 -11.58
N GLU A 658 15.33 -9.12 -10.66
CA GLU A 658 15.66 -10.51 -10.35
C GLU A 658 14.62 -11.48 -10.89
N GLU A 659 13.72 -10.99 -11.73
CA GLU A 659 12.69 -11.83 -12.33
C GLU A 659 13.12 -12.38 -13.69
N ARG A 660 12.74 -13.62 -13.97
CA ARG A 660 13.07 -14.25 -15.22
C ARG A 660 12.38 -13.56 -16.39
N VAL A 661 13.08 -13.46 -17.52
CA VAL A 661 12.58 -12.76 -18.69
C VAL A 661 11.58 -13.61 -19.48
N PHE A 662 11.89 -14.88 -19.66
CA PHE A 662 11.08 -15.76 -20.49
C PHE A 662 10.36 -16.86 -19.71
N VAL A 663 9.05 -16.96 -19.92
CA VAL A 663 8.23 -17.99 -19.28
C VAL A 663 7.40 -18.73 -20.32
N GLY A 677 6.58 -17.06 -23.74
CA GLY A 677 6.26 -15.64 -23.66
C GLY A 677 7.16 -14.88 -22.70
N ILE A 678 6.97 -13.57 -22.64
CA ILE A 678 7.78 -12.71 -21.78
C ILE A 678 7.06 -12.43 -20.48
N SER A 679 7.80 -12.46 -19.36
CA SER A 679 7.22 -12.36 -18.03
C SER A 679 6.53 -11.03 -17.73
N ILE A 680 6.87 -9.98 -18.48
CA ILE A 680 6.20 -8.70 -18.32
C ILE A 680 5.43 -8.35 -19.59
N THR A 681 4.30 -7.68 -19.42
CA THR A 681 3.41 -7.36 -20.54
C THR A 681 4.03 -6.30 -21.45
N ARG A 682 3.35 -6.03 -22.55
CA ARG A 682 3.82 -5.03 -23.51
C ARG A 682 3.75 -3.57 -23.00
N PRO A 683 2.63 -3.17 -22.38
CA PRO A 683 2.60 -1.82 -21.81
C PRO A 683 3.70 -1.59 -20.78
N GLN A 684 4.04 -2.62 -20.01
CA GLN A 684 5.12 -2.54 -19.03
C GLN A 684 6.46 -2.33 -19.71
N VAL A 685 6.71 -3.12 -20.76
CA VAL A 685 7.93 -2.98 -21.55
C VAL A 685 8.08 -1.57 -22.11
N GLU A 686 6.98 -1.04 -22.65
CA GLU A 686 7.00 0.33 -23.17
C GLU A 686 7.24 1.36 -22.07
N TYR A 687 6.68 1.09 -20.89
CA TYR A 687 6.87 1.95 -19.73
C TYR A 687 8.35 2.04 -19.33
N TYR A 688 8.94 0.89 -19.03
CA TYR A 688 10.35 0.80 -18.67
C TYR A 688 11.27 1.39 -19.75
N LEU A 689 11.00 1.04 -21.00
CA LEU A 689 11.79 1.54 -22.13
C LEU A 689 11.75 3.07 -22.20
N SER A 690 10.55 3.63 -22.10
CA SER A 690 10.37 5.08 -22.09
C SER A 690 11.15 5.74 -20.94
N SER A 691 10.97 5.21 -19.73
CA SER A 691 11.67 5.73 -18.56
C SER A 691 13.18 5.77 -18.75
N ILE A 692 13.75 4.59 -19.00
CA ILE A 692 15.19 4.47 -19.19
C ILE A 692 15.68 5.29 -20.39
N SER A 693 14.78 5.59 -21.33
CA SER A 693 15.15 6.43 -22.47
C SER A 693 15.29 7.88 -22.03
N VAL A 694 14.37 8.32 -21.17
CA VAL A 694 14.45 9.65 -20.59
C VAL A 694 15.78 9.80 -19.84
N LEU A 695 16.07 8.85 -18.95
CA LEU A 695 17.33 8.89 -18.23
C LEU A 695 18.56 8.84 -19.14
N ALA A 696 18.50 7.96 -20.14
CA ALA A 696 19.59 7.81 -21.11
C ALA A 696 19.89 9.13 -21.79
N ASP A 697 18.86 9.78 -22.32
CA ASP A 697 19.03 11.08 -22.95
C ASP A 697 19.62 12.09 -21.97
N PHE A 698 19.06 12.14 -20.76
CA PHE A 698 19.57 13.05 -19.74
C PHE A 698 21.07 12.92 -19.53
N PHE A 699 21.52 11.70 -19.23
CA PHE A 699 22.93 11.50 -18.91
C PHE A 699 23.84 11.60 -20.13
N ASN A 700 23.31 11.27 -21.30
CA ASN A 700 24.07 11.44 -22.54
C ASN A 700 24.34 12.92 -22.80
N ILE A 701 23.35 13.75 -22.46
CA ILE A 701 23.50 15.20 -22.62
C ILE A 701 24.46 15.81 -21.59
N HIS A 702 24.22 15.54 -20.31
CA HIS A 702 25.01 16.15 -19.24
C HIS A 702 26.26 15.36 -18.85
N ARG A 703 26.67 14.45 -19.72
CA ARG A 703 27.81 13.58 -19.44
C ARG A 703 29.14 14.31 -19.17
N PRO A 704 29.54 15.27 -20.04
CA PRO A 704 30.86 15.90 -19.81
C PRO A 704 30.99 16.63 -18.47
N SER A 705 29.88 16.81 -17.75
CA SER A 705 29.92 17.44 -16.43
C SER A 705 30.24 16.42 -15.35
N PHE A 706 30.14 15.13 -15.68
CA PHE A 706 30.23 14.08 -14.66
C PHE A 706 31.40 13.10 -14.84
N VAL A 707 32.03 13.11 -16.01
CA VAL A 707 33.09 12.14 -16.30
C VAL A 707 34.42 12.81 -16.67
N SER A 708 35.29 12.06 -17.33
CA SER A 708 36.63 12.52 -17.73
C SER A 708 37.55 12.78 -16.54
N THR A 719 42.41 8.00 -6.24
CA THR A 719 41.91 9.36 -6.27
C THR A 719 40.38 9.42 -6.27
N ALA A 720 39.82 10.34 -5.49
CA ALA A 720 38.37 10.46 -5.34
C ALA A 720 37.66 10.90 -6.63
N SER A 721 38.23 11.90 -7.30
CA SER A 721 37.63 12.46 -8.50
C SER A 721 37.52 11.43 -9.62
N ASP A 722 38.61 10.69 -9.83
CA ASP A 722 38.64 9.68 -10.87
C ASP A 722 37.78 8.47 -10.51
N ALA A 723 37.69 8.16 -9.21
CA ALA A 723 36.82 7.09 -8.75
C ALA A 723 35.37 7.43 -9.07
N GLU A 724 35.01 8.67 -8.76
CA GLU A 724 33.71 9.21 -9.11
C GLU A 724 33.46 9.11 -10.61
N SER A 725 34.49 9.43 -11.39
CA SER A 725 34.38 9.42 -12.84
C SER A 725 34.13 8.01 -13.37
N ILE A 726 34.85 7.04 -12.80
CA ILE A 726 34.72 5.65 -13.19
C ILE A 726 33.32 5.14 -12.86
N ALA A 727 32.89 5.38 -11.62
CA ALA A 727 31.57 4.91 -11.18
C ALA A 727 30.46 5.50 -12.04
N MET A 728 30.53 6.81 -12.27
CA MET A 728 29.51 7.50 -13.05
C MET A 728 29.49 6.97 -14.48
N ASN A 729 30.67 6.79 -15.06
CA ASN A 729 30.78 6.21 -16.41
C ASN A 729 30.14 4.83 -16.48
N ALA A 730 30.47 3.98 -15.51
CA ALA A 730 29.90 2.65 -15.40
C ALA A 730 28.37 2.69 -15.33
N LEU A 731 27.85 3.64 -14.56
CA LEU A 731 26.40 3.78 -14.39
C LEU A 731 25.72 4.23 -15.68
N ILE A 732 26.35 5.14 -16.40
CA ILE A 732 25.79 5.64 -17.64
C ILE A 732 25.77 4.53 -18.70
N LEU A 733 26.89 3.80 -18.78
CA LEU A 733 26.95 2.61 -19.63
C LEU A 733 25.84 1.62 -19.25
N LEU A 734 25.62 1.44 -17.95
CA LEU A 734 24.54 0.56 -17.49
C LEU A 734 23.18 1.01 -17.99
N ILE A 735 22.90 2.31 -17.86
CA ILE A 735 21.64 2.88 -18.33
C ILE A 735 21.42 2.63 -19.81
N ASN A 736 22.46 2.88 -20.60
CA ASN A 736 22.38 2.62 -22.04
C ASN A 736 22.15 1.15 -22.38
N SER A 737 22.85 0.26 -21.67
CA SER A 737 22.67 -1.18 -21.85
C SER A 737 21.24 -1.63 -21.54
N ILE A 738 20.69 -1.13 -20.44
CA ILE A 738 19.32 -1.42 -20.07
C ILE A 738 18.37 -0.97 -21.18
N LYS A 739 18.62 0.24 -21.68
CA LYS A 739 17.88 0.76 -22.83
C LYS A 739 17.93 -0.23 -24.00
N ASP A 740 19.13 -0.74 -24.30
CA ASP A 740 19.33 -1.68 -25.41
C ASP A 740 18.52 -2.96 -25.25
N ALA A 741 18.64 -3.61 -24.09
CA ALA A 741 17.89 -4.82 -23.80
C ALA A 741 16.39 -4.60 -23.95
N LEU A 742 15.88 -3.58 -23.26
CA LEU A 742 14.46 -3.27 -23.33
C LEU A 742 14.01 -2.95 -24.75
N SER A 743 14.92 -2.40 -25.55
CA SER A 743 14.63 -2.11 -26.95
C SER A 743 14.44 -3.40 -27.74
N LEU A 744 15.33 -4.37 -27.51
CA LEU A 744 15.20 -5.68 -28.14
C LEU A 744 13.88 -6.36 -27.74
N ILE A 745 13.55 -6.32 -26.45
CA ILE A 745 12.28 -6.89 -25.97
C ILE A 745 11.10 -6.20 -26.64
N ASN A 746 11.22 -4.88 -26.81
CA ASN A 746 10.19 -4.09 -27.46
C ASN A 746 10.00 -4.53 -28.90
N VAL A 747 11.11 -4.84 -29.57
CA VAL A 747 11.04 -5.38 -30.91
C VAL A 747 10.32 -6.73 -30.89
N PHE A 748 10.67 -7.57 -29.92
CA PHE A 748 10.03 -8.88 -29.78
C PHE A 748 8.53 -8.76 -29.62
N TYR A 749 8.08 -7.70 -28.97
CA TYR A 749 6.65 -7.57 -28.67
C TYR A 749 5.77 -7.11 -29.84
N GLU A 750 6.35 -6.91 -31.02
CA GLU A 750 5.58 -6.48 -32.18
C GLU A 750 4.75 -7.60 -32.78
N ASP A 751 5.29 -8.82 -32.77
CA ASP A 751 4.52 -10.00 -33.14
C ASP A 751 4.82 -11.10 -32.13
N ILE A 752 4.14 -11.04 -30.98
CA ILE A 752 4.44 -11.92 -29.87
C ILE A 752 4.08 -13.39 -30.13
N ASP A 753 3.07 -13.63 -30.96
CA ASP A 753 2.67 -15.00 -31.29
C ASP A 753 3.77 -15.69 -32.10
N ALA A 754 4.27 -14.99 -33.12
CA ALA A 754 5.37 -15.48 -33.93
C ALA A 754 6.61 -15.73 -33.09
N PHE A 755 6.90 -14.81 -32.17
CA PHE A 755 8.06 -14.93 -31.30
C PHE A 755 7.93 -16.10 -30.34
N LYS A 756 6.73 -16.33 -29.84
CA LYS A 756 6.44 -17.48 -28.98
C LYS A 756 6.62 -18.78 -29.75
N SER A 757 6.19 -18.77 -31.01
CA SER A 757 6.40 -19.94 -31.88
C SER A 757 7.88 -20.23 -32.03
N LEU A 758 8.64 -19.20 -32.43
CA LEU A 758 10.07 -19.33 -32.63
C LEU A 758 10.76 -19.83 -31.36
N LEU A 759 10.32 -19.33 -30.21
CA LEU A 759 10.86 -19.73 -28.93
C LEU A 759 10.55 -21.20 -28.67
N ASN A 760 9.36 -21.62 -29.09
CA ASN A 760 8.92 -23.00 -28.90
C ASN A 760 9.74 -23.98 -29.74
N THR A 761 10.01 -23.62 -30.99
CA THR A 761 10.81 -24.48 -31.85
C THR A 761 12.29 -24.46 -31.49
N LEU A 762 12.79 -23.30 -31.07
CA LEU A 762 14.18 -23.16 -30.65
C LEU A 762 14.39 -23.85 -29.30
N MET A 763 13.42 -23.69 -28.41
CA MET A 763 13.48 -24.33 -27.10
C MET A 763 12.46 -25.46 -27.02
N TYR A 769 20.47 -27.25 -29.40
CA TYR A 769 20.06 -26.76 -28.08
C TYR A 769 20.04 -27.86 -27.02
N ASP A 770 21.19 -28.15 -26.44
CA ASP A 770 21.26 -29.12 -25.35
C ASP A 770 20.51 -28.62 -24.12
N SER A 771 20.26 -29.51 -23.18
CA SER A 771 19.33 -29.24 -22.08
C SER A 771 19.75 -28.05 -21.22
N LYS A 772 21.03 -28.02 -20.87
CA LYS A 772 21.57 -26.97 -20.00
C LYS A 772 21.41 -25.56 -20.56
N THR A 773 21.24 -25.45 -21.89
CA THR A 773 21.09 -24.15 -22.55
C THR A 773 19.65 -23.65 -22.63
N ARG A 774 18.70 -24.56 -22.82
CA ARG A 774 17.30 -24.15 -22.72
C ARG A 774 17.00 -23.81 -21.26
N GLU A 775 17.66 -24.53 -20.36
CA GLU A 775 17.53 -24.27 -18.93
C GLU A 775 18.18 -22.95 -18.55
N TYR A 776 19.37 -22.71 -19.11
CA TYR A 776 20.10 -21.47 -18.91
C TYR A 776 19.31 -20.30 -19.48
N PHE A 777 18.51 -20.58 -20.50
CA PHE A 777 17.71 -19.58 -21.17
C PHE A 777 16.47 -19.21 -20.36
N PHE A 778 15.80 -20.20 -19.82
CA PHE A 778 14.54 -19.96 -19.12
C PHE A 778 14.71 -19.47 -17.69
N ASP A 779 15.96 -19.38 -17.23
CA ASP A 779 16.24 -18.83 -15.91
C ASP A 779 17.04 -17.52 -15.99
N LEU A 780 17.15 -16.99 -17.20
CA LEU A 780 17.76 -15.68 -17.40
C LEU A 780 16.92 -14.59 -16.74
N LYS A 781 17.54 -13.84 -15.85
CA LYS A 781 16.87 -12.73 -15.20
C LYS A 781 17.11 -11.47 -16.02
N PHE A 782 16.28 -10.44 -15.83
CA PHE A 782 16.44 -9.20 -16.57
C PHE A 782 17.83 -8.58 -16.41
N HIS A 783 18.44 -8.77 -15.26
CA HIS A 783 19.77 -8.22 -15.03
C HIS A 783 20.83 -8.99 -15.81
N ASP A 784 20.54 -10.26 -16.11
CA ASP A 784 21.41 -11.05 -16.98
C ASP A 784 21.43 -10.45 -18.38
N LEU A 785 20.31 -9.86 -18.79
CA LEU A 785 20.23 -9.18 -20.07
C LEU A 785 20.82 -7.77 -20.00
N PHE A 786 20.74 -7.16 -18.82
CA PHE A 786 21.25 -5.79 -18.63
C PHE A 786 22.78 -5.75 -18.65
N THR A 787 23.40 -6.78 -18.08
CA THR A 787 24.86 -6.89 -18.09
C THR A 787 25.28 -8.29 -18.53
N PRO A 788 25.12 -8.60 -19.82
CA PRO A 788 25.24 -9.96 -20.35
C PRO A 788 26.67 -10.48 -20.40
N ASN A 789 26.86 -11.73 -20.01
CA ASN A 789 28.12 -12.43 -20.24
C ASN A 789 28.18 -12.94 -21.68
N ALA A 790 29.26 -13.64 -22.02
CA ALA A 790 29.47 -14.11 -23.39
C ALA A 790 28.40 -15.11 -23.85
N LYS A 791 28.02 -16.01 -22.95
CA LYS A 791 27.02 -17.03 -23.24
C LYS A 791 25.64 -16.41 -23.53
N THR A 792 25.23 -15.48 -22.69
CA THR A 792 23.97 -14.77 -22.88
C THR A 792 23.99 -13.99 -24.18
N LYS A 793 25.12 -13.32 -24.43
CA LYS A 793 25.29 -12.52 -25.64
C LYS A 793 25.18 -13.37 -26.91
N GLN A 794 25.82 -14.54 -26.90
CA GLN A 794 25.76 -15.42 -28.07
C GLN A 794 24.36 -16.03 -28.24
N LEU A 795 23.70 -16.33 -27.13
CA LEU A 795 22.31 -16.83 -27.19
C LEU A 795 21.38 -15.80 -27.82
N ILE A 796 21.46 -14.57 -27.33
CA ILE A 796 20.64 -13.48 -27.85
C ILE A 796 20.97 -13.23 -29.31
N LYS A 797 22.26 -13.30 -29.65
CA LYS A 797 22.70 -13.13 -31.03
C LYS A 797 22.02 -14.14 -31.94
N GLU A 798 22.09 -15.42 -31.57
CA GLU A 798 21.40 -16.48 -32.31
C GLU A 798 19.91 -16.19 -32.45
N ILE A 799 19.29 -15.80 -31.34
CA ILE A 799 17.86 -15.50 -31.34
C ILE A 799 17.49 -14.40 -32.35
N LEU A 800 18.24 -13.30 -32.32
CA LEU A 800 18.01 -12.20 -33.26
C LEU A 800 18.19 -12.68 -34.70
N ILE A 801 19.28 -13.43 -34.91
CA ILE A 801 19.57 -14.03 -36.22
C ILE A 801 18.37 -14.81 -36.74
N GLU A 802 17.68 -15.54 -35.86
CA GLU A 802 16.47 -16.27 -36.26
C GLU A 802 15.24 -15.36 -36.44
N VAL A 803 15.15 -14.30 -35.64
CA VAL A 803 14.05 -13.35 -35.78
C VAL A 803 14.10 -12.67 -37.14
N VAL A 804 15.32 -12.50 -37.66
CA VAL A 804 15.51 -11.92 -38.99
C VAL A 804 15.40 -12.96 -40.11
N ASN A 805 16.08 -14.09 -39.95
CA ASN A 805 16.06 -15.17 -40.93
C ASN A 805 14.65 -15.64 -41.26
N ALA A 806 13.87 -15.91 -40.21
CA ALA A 806 12.46 -16.22 -40.38
C ALA A 806 11.67 -14.92 -40.42
N ASN A 807 10.50 -14.94 -41.05
CA ASN A 807 9.75 -13.72 -41.30
C ASN A 807 8.95 -13.21 -40.10
N ILE A 808 9.61 -12.99 -38.98
CA ILE A 808 8.95 -12.43 -37.80
C ILE A 808 9.03 -10.91 -37.79
N ALA A 809 10.24 -10.38 -37.65
CA ALA A 809 10.45 -8.94 -37.57
C ALA A 809 10.04 -8.25 -38.86
N SER A 810 9.12 -7.30 -38.75
CA SER A 810 8.56 -6.65 -39.93
C SER A 810 9.24 -5.31 -40.21
N GLY A 811 9.78 -5.18 -41.43
CA GLY A 811 10.36 -3.93 -41.90
C GLY A 811 11.42 -3.28 -41.02
N THR A 812 11.05 -2.15 -40.42
CA THR A 812 11.98 -1.36 -39.60
C THR A 812 12.50 -2.14 -38.41
N SER A 813 11.71 -3.10 -37.93
CA SER A 813 12.12 -3.96 -36.84
C SER A 813 13.38 -4.73 -37.21
N ALA A 814 13.29 -5.51 -38.29
CA ALA A 814 14.39 -6.32 -38.78
C ALA A 814 15.63 -5.49 -39.13
N ASP A 815 15.41 -4.31 -39.73
CA ASP A 815 16.49 -3.40 -40.08
C ASP A 815 17.21 -2.94 -38.82
N TYR A 816 16.42 -2.58 -37.81
CA TYR A 816 16.97 -2.20 -36.51
C TYR A 816 17.78 -3.37 -35.94
N ILE A 817 17.26 -4.59 -36.11
CA ILE A 817 17.95 -5.78 -35.59
C ILE A 817 19.30 -6.01 -36.25
N VAL A 818 19.36 -5.97 -37.59
CA VAL A 818 20.64 -6.16 -38.27
C VAL A 818 21.60 -5.01 -37.95
N ASN A 819 21.04 -3.84 -37.68
CA ASN A 819 21.85 -2.72 -37.19
C ASN A 819 22.46 -3.07 -35.82
N VAL A 820 21.67 -3.71 -34.97
CA VAL A 820 22.13 -4.13 -33.65
C VAL A 820 23.23 -5.20 -33.75
N LEU A 821 22.95 -6.25 -34.52
CA LEU A 821 23.89 -7.34 -34.77
C LEU A 821 25.21 -6.82 -35.33
N LYS A 822 25.12 -5.85 -36.23
CA LYS A 822 26.30 -5.21 -36.79
C LYS A 822 27.07 -4.45 -35.71
N GLU A 823 26.35 -3.62 -34.95
CA GLU A 823 27.00 -2.74 -33.98
C GLU A 823 27.59 -3.47 -32.77
N ARG A 824 26.73 -3.98 -31.90
CA ARG A 824 27.21 -4.56 -30.63
C ARG A 824 27.38 -6.08 -30.61
N PHE A 825 27.01 -6.75 -31.69
CA PHE A 825 27.24 -8.19 -31.78
C PHE A 825 28.35 -8.52 -32.77
#